data_6PHF
#
_entry.id   6PHF
#
_cell.length_a   85.236
_cell.length_b   110.266
_cell.length_c   147.097
_cell.angle_alpha   90.00
_cell.angle_beta   90.00
_cell.angle_gamma   90.00
#
_symmetry.space_group_name_H-M   'P 2 21 21'
#
loop_
_entity.id
_entity.type
_entity.pdbx_description
1 polymer '2587 Antibody Fab, Heavy Chain'
2 polymer '25 kDa ookinete surface antigen'
3 polymer '2587 Antibody Fab, Light Chain'
#
loop_
_entity_poly.entity_id
_entity_poly.type
_entity_poly.pdbx_seq_one_letter_code
_entity_poly.pdbx_strand_id
1 'polypeptide(L)'
;QVQLVQSGAEVRKPGASVKVSCKASGYSFTSYILNWVRQATGQGLEWMGWMNPDSNNTEYAQKFQGRVTITRDTSISTVY
MELSGLRSEDTAVYYCARHSFKSNTGFDYWGQGTQVTVSSASTKGPSVFPLAPSSKSTSGGTAALGCLVKDYFPEPVTVS
WNSGALTSGVHTFPAVLQSSGLYSLSSVVTVPSSSLGTQTYICNVNHKPSNTKVDKKVEPKSC
;
A,C
2 'polypeptide(L)'
;ETGAKVTVDTVCKRGFLIQMSGHLECKCENDLVLVNEETCEEKVLKCDEKTVNKPCGDFSKCIKIDGNPVSYACKCNLGY
DMVNNVCIPNECKQVTCGNGKCILDTSNPVKTGVCSCNIGKVPNVQDQNKCSKDGETKCSLKCLKEQETCKAVDGIYKCD
CKDGFIIDQESSICTGTKHHHHHH
;
G,E
3 'polypeptide(L)'
;SYELSQPPSVSVSAGQTASITCSGDKLGGKYGYWYQQRPGQSPILVIYQDSKRPSGIPERFSGSNSGNTATLTISGTQAM
DEADYYCQAWDISTNWVFGGGTKLTVLGQPKAAPSVTLFPPSSEELQANKATLVCLISDFYPGAVTVAWKADSSPVKAGV
ETTTPSKQSNNKYAASSYLSLTPEQWKSHRSYSCQVTHEGSTVEKTVAPTECS
;
B,D
#
# COMPACT_ATOMS: atom_id res chain seq x y z
N GLN A 1 -22.53 21.46 -15.76
CA GLN A 1 -22.01 20.10 -15.68
C GLN A 1 -22.00 19.60 -14.23
N VAL A 2 -21.68 18.32 -14.06
CA VAL A 2 -21.58 17.71 -12.73
C VAL A 2 -20.17 17.91 -12.20
N GLN A 3 -20.08 18.31 -10.93
CA GLN A 3 -18.80 18.60 -10.30
C GLN A 3 -18.87 18.25 -8.83
N LEU A 4 -17.77 17.69 -8.31
CA LEU A 4 -17.61 17.43 -6.88
C LEU A 4 -16.41 18.23 -6.39
N VAL A 5 -16.66 19.25 -5.58
CA VAL A 5 -15.63 20.15 -5.09
C VAL A 5 -15.52 20.00 -3.58
N GLN A 6 -14.30 19.75 -3.10
CA GLN A 6 -14.05 19.53 -1.68
C GLN A 6 -13.48 20.79 -1.05
N SER A 7 -13.21 20.72 0.25
CA SER A 7 -12.61 21.83 0.97
C SER A 7 -11.11 21.89 0.71
N GLY A 8 -10.45 22.84 1.37
CA GLY A 8 -9.01 22.98 1.22
C GLY A 8 -8.22 22.08 2.14
N ALA A 9 -6.92 22.01 1.89
CA ALA A 9 -6.04 21.19 2.71
C ALA A 9 -5.95 21.76 4.13
N GLU A 10 -5.74 20.85 5.08
CA GLU A 10 -5.69 21.23 6.48
C GLU A 10 -4.55 20.49 7.17
N VAL A 11 -4.11 21.05 8.30
CA VAL A 11 -3.09 20.46 9.15
C VAL A 11 -3.65 20.35 10.56
N ARG A 12 -3.47 19.19 11.18
CA ARG A 12 -4.03 18.93 12.49
C ARG A 12 -2.96 18.36 13.41
N LYS A 13 -3.17 18.54 14.71
CA LYS A 13 -2.27 17.97 15.69
C LYS A 13 -2.73 16.58 16.08
N PRO A 14 -1.80 15.72 16.53
CA PRO A 14 -2.19 14.35 16.92
C PRO A 14 -3.22 14.37 18.04
N GLY A 15 -4.38 13.79 17.76
CA GLY A 15 -5.48 13.72 18.69
C GLY A 15 -6.66 14.60 18.34
N ALA A 16 -6.45 15.60 17.48
CA ALA A 16 -7.51 16.52 17.10
C ALA A 16 -8.44 15.87 16.08
N SER A 17 -9.44 16.62 15.63
CA SER A 17 -10.40 16.16 14.64
C SER A 17 -10.27 16.99 13.37
N VAL A 18 -10.70 16.40 12.26
CA VAL A 18 -10.70 17.06 10.95
C VAL A 18 -12.05 16.80 10.29
N LYS A 19 -12.61 17.84 9.68
CA LYS A 19 -13.92 17.76 9.03
C LYS A 19 -13.78 18.28 7.61
N VAL A 20 -13.89 17.38 6.63
CA VAL A 20 -13.74 17.70 5.23
C VAL A 20 -15.11 17.70 4.57
N SER A 21 -15.35 18.68 3.70
CA SER A 21 -16.63 18.85 3.02
C SER A 21 -16.51 18.45 1.56
N CYS A 22 -17.67 18.26 0.94
CA CYS A 22 -17.73 17.87 -0.47
C CYS A 22 -19.00 18.46 -1.07
N LYS A 23 -18.83 19.36 -2.05
CA LYS A 23 -19.95 20.06 -2.66
C LYS A 23 -20.37 19.37 -3.95
N ALA A 24 -21.67 19.25 -4.16
CA ALA A 24 -22.24 18.58 -5.32
C ALA A 24 -23.05 19.57 -6.15
N SER A 25 -22.93 19.47 -7.47
CA SER A 25 -23.68 20.33 -8.38
C SER A 25 -23.90 19.60 -9.69
N GLY A 26 -24.93 20.03 -10.42
CA GLY A 26 -25.20 19.50 -11.74
C GLY A 26 -26.00 18.22 -11.78
N TYR A 27 -26.50 17.74 -10.65
CA TYR A 27 -27.28 16.51 -10.62
C TYR A 27 -28.15 16.50 -9.38
N SER A 28 -29.15 15.62 -9.39
CA SER A 28 -30.05 15.47 -8.26
C SER A 28 -29.28 14.86 -7.09
N PHE A 29 -29.13 15.63 -6.01
CA PHE A 29 -28.27 15.22 -4.91
C PHE A 29 -28.71 13.89 -4.31
N THR A 30 -30.02 13.72 -4.09
CA THR A 30 -30.53 12.52 -3.44
C THR A 30 -30.47 11.28 -4.34
N SER A 31 -30.15 11.44 -5.63
CA SER A 31 -30.17 10.30 -6.54
C SER A 31 -28.97 9.38 -6.34
N TYR A 32 -27.80 9.95 -6.08
CA TYR A 32 -26.57 9.17 -5.99
C TYR A 32 -26.02 9.18 -4.58
N ILE A 33 -25.29 8.12 -4.23
CA ILE A 33 -24.63 7.99 -2.94
C ILE A 33 -23.23 8.56 -3.05
N LEU A 34 -22.81 9.32 -2.04
CA LEU A 34 -21.50 9.96 -2.02
C LEU A 34 -20.59 9.20 -1.07
N ASN A 35 -19.48 8.68 -1.59
CA ASN A 35 -18.53 7.90 -0.82
C ASN A 35 -17.37 8.77 -0.36
N TRP A 36 -16.50 8.19 0.46
CA TRP A 36 -15.29 8.85 0.91
C TRP A 36 -14.14 7.86 0.83
N VAL A 37 -13.14 8.19 0.02
CA VAL A 37 -11.97 7.34 -0.19
C VAL A 37 -10.72 8.15 0.14
N ARG A 38 -9.79 7.54 0.86
CA ARG A 38 -8.51 8.16 1.18
C ARG A 38 -7.39 7.34 0.56
N GLN A 39 -6.20 7.95 0.51
CA GLN A 39 -5.06 7.32 -0.13
C GLN A 39 -3.79 7.94 0.43
N ALA A 40 -3.01 7.15 1.17
CA ALA A 40 -1.70 7.58 1.61
C ALA A 40 -0.78 7.78 0.41
N THR A 41 0.33 8.48 0.65
CA THR A 41 1.26 8.73 -0.46
C THR A 41 1.77 7.43 -1.06
N GLY A 42 2.06 6.45 -0.23
CA GLY A 42 2.55 5.17 -0.69
C GLY A 42 1.47 4.26 -1.24
N GLN A 43 0.45 4.01 -0.41
CA GLN A 43 -0.55 2.99 -0.66
C GLN A 43 -1.58 3.44 -1.70
N GLY A 44 -2.50 2.53 -2.01
CA GLY A 44 -3.58 2.80 -2.94
C GLY A 44 -4.86 3.29 -2.27
N LEU A 45 -5.89 3.44 -3.11
CA LEU A 45 -7.19 3.91 -2.66
C LEU A 45 -7.81 3.00 -1.60
N GLU A 46 -8.43 3.62 -0.60
CA GLU A 46 -8.99 2.92 0.54
C GLU A 46 -10.36 3.52 0.84
N TRP A 47 -11.40 2.71 0.75
CA TRP A 47 -12.76 3.17 1.02
C TRP A 47 -13.02 3.21 2.52
N MET A 48 -13.67 4.29 2.98
CA MET A 48 -13.91 4.50 4.39
C MET A 48 -15.39 4.60 4.76
N GLY A 49 -16.25 5.03 3.85
CA GLY A 49 -17.66 5.15 4.16
C GLY A 49 -18.40 5.91 3.08
N TRP A 50 -19.72 5.96 3.23
CA TRP A 50 -20.56 6.68 2.31
C TRP A 50 -21.75 7.27 3.05
N MET A 51 -22.45 8.18 2.37
CA MET A 51 -23.70 8.75 2.87
C MET A 51 -24.73 8.74 1.75
N ASN A 52 -25.91 8.17 2.03
CA ASN A 52 -27.00 8.18 1.08
C ASN A 52 -27.92 9.35 1.42
N PRO A 53 -27.86 10.46 0.69
CA PRO A 53 -28.70 11.62 1.03
C PRO A 53 -30.20 11.37 0.84
N ASP A 54 -30.58 10.29 0.17
CA ASP A 54 -32.00 9.97 0.03
C ASP A 54 -32.57 9.35 1.30
N SER A 55 -31.76 8.59 2.03
CA SER A 55 -32.22 7.91 3.23
C SER A 55 -31.55 8.39 4.51
N ASN A 56 -30.54 9.26 4.41
CA ASN A 56 -29.77 9.72 5.57
C ASN A 56 -29.12 8.55 6.30
N ASN A 57 -28.79 7.50 5.57
CA ASN A 57 -28.17 6.30 6.13
C ASN A 57 -26.69 6.27 5.78
N THR A 58 -25.88 5.90 6.76
CA THR A 58 -24.43 5.85 6.61
C THR A 58 -23.93 4.42 6.80
N GLU A 59 -22.88 4.08 6.07
CA GLU A 59 -22.18 2.82 6.23
C GLU A 59 -20.69 3.12 6.37
N TYR A 60 -20.06 2.57 7.40
CA TYR A 60 -18.66 2.84 7.69
C TYR A 60 -17.85 1.56 7.62
N ALA A 61 -16.54 1.73 7.42
CA ALA A 61 -15.63 0.61 7.42
C ALA A 61 -15.30 0.16 8.84
N GLN A 62 -15.16 -1.15 9.03
CA GLN A 62 -14.90 -1.71 10.35
C GLN A 62 -13.58 -1.20 10.92
N LYS A 63 -12.58 -1.01 10.06
CA LYS A 63 -11.24 -0.63 10.50
C LYS A 63 -11.19 0.81 11.02
N PHE A 64 -12.19 1.63 10.71
CA PHE A 64 -12.28 3.00 11.23
C PHE A 64 -13.19 2.95 12.45
N GLN A 65 -12.59 2.77 13.62
CA GLN A 65 -13.30 2.47 14.86
C GLN A 65 -14.11 3.67 15.35
N GLY A 66 -15.27 3.86 14.73
CA GLY A 66 -16.16 4.92 15.19
C GLY A 66 -15.60 6.32 15.02
N ARG A 67 -14.44 6.42 14.37
CA ARG A 67 -13.77 7.70 14.16
C ARG A 67 -14.27 8.44 12.94
N VAL A 68 -14.82 7.74 11.95
CA VAL A 68 -15.36 8.40 10.76
C VAL A 68 -16.83 8.67 11.00
N THR A 69 -17.23 9.94 10.83
CA THR A 69 -18.61 10.36 10.96
C THR A 69 -18.97 11.18 9.73
N ILE A 70 -19.90 10.67 8.92
CA ILE A 70 -20.31 11.32 7.68
C ILE A 70 -21.68 11.92 7.88
N THR A 71 -21.77 13.25 7.79
CA THR A 71 -23.01 13.98 7.95
C THR A 71 -23.31 14.73 6.66
N ARG A 72 -24.58 14.82 6.32
CA ARG A 72 -25.01 15.43 5.06
C ARG A 72 -25.59 16.82 5.29
N ASP A 73 -25.83 17.52 4.18
CA ASP A 73 -26.51 18.80 4.19
C ASP A 73 -27.09 19.06 2.80
N THR A 74 -28.24 18.45 2.50
CA THR A 74 -28.85 18.57 1.18
C THR A 74 -29.22 20.01 0.84
N SER A 75 -29.33 20.88 1.83
CA SER A 75 -29.60 22.29 1.56
C SER A 75 -28.49 22.90 0.72
N ILE A 76 -27.24 22.66 1.11
CA ILE A 76 -26.08 23.13 0.35
C ILE A 76 -25.55 22.04 -0.58
N SER A 77 -26.23 20.90 -0.66
CA SER A 77 -25.78 19.75 -1.47
C SER A 77 -24.35 19.35 -1.09
N THR A 78 -24.10 19.29 0.21
CA THR A 78 -22.77 19.07 0.75
C THR A 78 -22.79 17.94 1.76
N VAL A 79 -21.84 17.02 1.64
CA VAL A 79 -21.61 15.98 2.64
C VAL A 79 -20.31 16.30 3.37
N TYR A 80 -20.28 15.99 4.66
CA TYR A 80 -19.13 16.24 5.50
C TYR A 80 -18.60 14.93 6.07
N MET A 81 -17.28 14.75 6.03
CA MET A 81 -16.62 13.59 6.61
C MET A 81 -15.75 14.08 7.75
N GLU A 82 -16.10 13.69 8.97
CA GLU A 82 -15.34 14.08 10.16
C GLU A 82 -14.57 12.87 10.68
N LEU A 83 -13.27 13.02 10.84
CA LEU A 83 -12.40 11.97 11.36
C LEU A 83 -11.82 12.44 12.69
N SER A 84 -11.97 11.62 13.73
CA SER A 84 -11.55 11.96 15.08
C SER A 84 -10.40 11.07 15.52
N GLY A 85 -9.76 11.46 16.62
CA GLY A 85 -8.61 10.76 17.14
C GLY A 85 -7.51 10.59 16.13
N LEU A 86 -7.10 11.70 15.52
CA LEU A 86 -6.16 11.64 14.42
C LEU A 86 -4.80 11.13 14.87
N ARG A 87 -4.21 10.27 14.03
CA ARG A 87 -2.88 9.72 14.24
C ARG A 87 -2.08 9.93 12.96
N SER A 88 -0.85 9.41 12.94
CA SER A 88 -0.02 9.53 11.75
C SER A 88 -0.61 8.75 10.57
N GLU A 89 -1.36 7.68 10.84
CA GLU A 89 -1.98 6.90 9.78
C GLU A 89 -2.95 7.73 8.94
N ASP A 90 -3.57 8.75 9.54
CA ASP A 90 -4.58 9.53 8.85
C ASP A 90 -4.01 10.58 7.89
N THR A 91 -2.69 10.77 7.87
CA THR A 91 -2.08 11.73 6.96
C THR A 91 -2.15 11.16 5.54
N ALA A 92 -3.11 11.66 4.76
CA ALA A 92 -3.35 11.14 3.41
C ALA A 92 -4.20 12.16 2.66
N VAL A 93 -4.49 11.83 1.40
CA VAL A 93 -5.40 12.61 0.56
C VAL A 93 -6.77 11.97 0.60
N TYR A 94 -7.81 12.78 0.77
CA TYR A 94 -9.18 12.29 0.93
C TYR A 94 -10.02 12.70 -0.25
N TYR A 95 -10.78 11.75 -0.80
CA TYR A 95 -11.60 11.97 -1.98
C TYR A 95 -13.06 11.66 -1.67
N CYS A 96 -13.96 12.39 -2.33
CA CYS A 96 -15.38 12.06 -2.35
C CYS A 96 -15.78 11.74 -3.78
N ALA A 97 -16.51 10.64 -3.95
CA ALA A 97 -16.97 10.21 -5.26
C ALA A 97 -18.39 9.67 -5.14
N ARG A 98 -19.17 9.87 -6.19
CA ARG A 98 -20.55 9.42 -6.20
C ARG A 98 -20.71 8.14 -7.02
N HIS A 99 -21.76 7.39 -6.71
CA HIS A 99 -22.06 6.14 -7.39
C HIS A 99 -23.54 5.85 -7.23
N SER A 100 -24.07 5.07 -8.18
CA SER A 100 -25.48 4.71 -8.19
C SER A 100 -25.62 3.21 -8.28
N PHE A 101 -26.30 2.61 -7.31
CA PHE A 101 -26.67 1.20 -7.40
C PHE A 101 -27.87 0.98 -8.31
N LYS A 102 -28.59 2.04 -8.67
CA LYS A 102 -29.70 1.91 -9.61
C LYS A 102 -29.23 1.92 -11.05
N SER A 103 -28.15 2.65 -11.34
CA SER A 103 -27.59 2.71 -12.68
C SER A 103 -26.31 1.89 -12.85
N ASN A 104 -25.72 1.43 -11.75
CA ASN A 104 -24.49 0.64 -11.78
C ASN A 104 -23.39 1.36 -12.57
N THR A 105 -23.01 2.54 -12.07
CA THR A 105 -22.02 3.38 -12.73
C THR A 105 -20.67 3.38 -12.05
N GLY A 106 -20.58 2.93 -10.81
CA GLY A 106 -19.32 3.03 -10.10
C GLY A 106 -19.01 4.47 -9.72
N PHE A 107 -17.75 4.71 -9.38
CA PHE A 107 -17.30 6.05 -9.00
C PHE A 107 -16.97 6.82 -10.28
N ASP A 108 -18.04 7.30 -10.93
CA ASP A 108 -17.88 7.95 -12.23
C ASP A 108 -17.27 9.33 -12.11
N TYR A 109 -17.55 10.06 -11.02
CA TYR A 109 -17.03 11.40 -10.82
C TYR A 109 -16.43 11.50 -9.43
N TRP A 110 -15.21 12.03 -9.35
CA TRP A 110 -14.48 12.16 -8.10
C TRP A 110 -14.32 13.63 -7.72
N GLY A 111 -13.90 13.85 -6.48
CA GLY A 111 -13.55 15.18 -6.01
C GLY A 111 -12.14 15.57 -6.39
N GLN A 112 -11.78 16.79 -5.99
CA GLN A 112 -10.45 17.31 -6.26
C GLN A 112 -9.40 16.76 -5.30
N GLY A 113 -9.82 16.19 -4.17
CA GLY A 113 -8.89 15.69 -3.18
C GLY A 113 -8.56 16.71 -2.12
N THR A 114 -8.46 16.27 -0.87
CA THR A 114 -8.13 17.13 0.26
C THR A 114 -7.01 16.48 1.05
N GLN A 115 -5.83 17.09 1.02
CA GLN A 115 -4.65 16.53 1.69
C GLN A 115 -4.66 16.96 3.14
N VAL A 116 -4.86 16.00 4.05
CA VAL A 116 -4.88 16.27 5.48
C VAL A 116 -3.56 15.78 6.07
N THR A 117 -2.83 16.67 6.73
CA THR A 117 -1.55 16.35 7.34
C THR A 117 -1.71 16.38 8.86
N VAL A 118 -1.21 15.35 9.53
CA VAL A 118 -1.29 15.25 10.98
C VAL A 118 0.13 15.38 11.51
N SER A 119 0.47 16.56 12.02
CA SER A 119 1.80 16.84 12.56
C SER A 119 1.67 17.71 13.79
N SER A 120 2.67 17.62 14.67
CA SER A 120 2.68 18.43 15.88
C SER A 120 3.00 19.89 15.62
N ALA A 121 3.40 20.25 14.40
CA ALA A 121 3.66 21.63 14.04
C ALA A 121 2.39 22.27 13.47
N SER A 122 2.40 23.60 13.43
CA SER A 122 1.29 24.37 12.90
C SER A 122 1.64 24.90 11.51
N THR A 123 0.61 25.42 10.83
CA THR A 123 0.78 25.91 9.47
C THR A 123 1.72 27.11 9.44
N LYS A 124 2.42 27.26 8.31
CA LYS A 124 3.36 28.35 8.11
C LYS A 124 3.25 28.83 6.66
N GLY A 125 3.11 30.15 6.49
CA GLY A 125 3.01 30.73 5.17
C GLY A 125 4.33 30.70 4.41
N PRO A 126 4.25 30.68 3.08
CA PRO A 126 5.46 30.65 2.27
C PRO A 126 6.00 32.03 1.95
N SER A 127 7.28 32.05 1.57
CA SER A 127 7.96 33.25 1.09
C SER A 127 8.28 33.05 -0.38
N VAL A 128 7.70 33.89 -1.23
CA VAL A 128 7.80 33.73 -2.68
C VAL A 128 8.85 34.69 -3.21
N PHE A 129 9.77 34.17 -4.02
CA PHE A 129 10.83 34.95 -4.62
C PHE A 129 10.84 34.75 -6.14
N PRO A 130 11.14 35.80 -6.90
CA PRO A 130 11.10 35.68 -8.36
C PRO A 130 12.33 34.97 -8.91
N LEU A 131 12.10 34.02 -9.81
CA LEU A 131 13.18 33.38 -10.56
C LEU A 131 13.32 34.10 -11.89
N ALA A 132 14.19 35.11 -11.90
CA ALA A 132 14.30 36.00 -13.05
C ALA A 132 14.85 35.25 -14.27
N PRO A 133 14.40 35.60 -15.47
CA PRO A 133 14.89 35.00 -16.72
C PRO A 133 16.37 35.27 -16.96
N GLY A 140 14.89 26.98 -30.78
CA GLY A 140 13.62 27.12 -30.08
C GLY A 140 13.21 28.58 -29.91
N GLY A 141 14.11 29.38 -29.34
CA GLY A 141 13.84 30.78 -29.13
C GLY A 141 12.97 31.08 -27.92
N THR A 142 13.06 30.27 -26.88
CA THR A 142 12.26 30.44 -25.68
C THR A 142 13.13 30.82 -24.50
N ALA A 143 12.49 31.24 -23.42
CA ALA A 143 13.17 31.64 -22.20
C ALA A 143 12.36 31.15 -21.01
N ALA A 144 13.06 30.91 -19.90
CA ALA A 144 12.45 30.33 -18.71
C ALA A 144 12.41 31.36 -17.59
N LEU A 145 11.27 31.42 -16.91
CA LEU A 145 11.10 32.25 -15.72
C LEU A 145 10.11 31.56 -14.81
N GLY A 146 10.25 31.80 -13.51
CA GLY A 146 9.41 31.11 -12.56
C GLY A 146 9.38 31.73 -11.18
N CYS A 147 8.89 30.95 -10.23
CA CYS A 147 8.70 31.37 -8.85
C CYS A 147 9.38 30.37 -7.92
N LEU A 148 9.85 30.88 -6.78
CA LEU A 148 10.45 30.05 -5.73
C LEU A 148 9.57 30.18 -4.49
N VAL A 149 8.63 29.24 -4.35
CA VAL A 149 7.80 29.16 -3.14
C VAL A 149 8.65 28.49 -2.06
N LYS A 150 9.00 29.25 -1.03
CA LYS A 150 10.03 28.83 -0.09
C LYS A 150 9.48 28.70 1.32
N ASP A 151 9.93 27.64 2.01
CA ASP A 151 9.65 27.42 3.43
C ASP A 151 8.19 27.59 3.82
N TYR A 152 7.34 26.63 3.47
CA TYR A 152 5.95 26.59 3.88
C TYR A 152 5.65 25.25 4.52
N PHE A 153 4.50 25.17 5.20
CA PHE A 153 4.06 23.92 5.78
C PHE A 153 2.56 23.99 6.06
N PRO A 154 1.79 22.95 5.71
CA PRO A 154 2.28 21.78 4.99
C PRO A 154 1.94 21.81 3.51
N GLU A 155 2.00 20.65 2.86
CA GLU A 155 1.61 20.55 1.47
C GLU A 155 0.09 20.57 1.35
N PRO A 156 -0.44 21.01 0.19
CA PRO A 156 0.27 21.48 -1.00
C PRO A 156 0.21 22.99 -1.20
N VAL A 157 0.92 23.46 -2.22
CA VAL A 157 0.85 24.84 -2.68
C VAL A 157 0.56 24.80 -4.17
N THR A 158 -0.50 25.48 -4.59
CA THR A 158 -0.91 25.51 -5.99
C THR A 158 -0.50 26.83 -6.61
N VAL A 159 0.17 26.77 -7.76
CA VAL A 159 0.71 27.95 -8.43
C VAL A 159 0.11 28.02 -9.82
N SER A 160 -0.55 29.14 -10.13
CA SER A 160 -1.01 29.46 -11.47
C SER A 160 -0.26 30.67 -11.98
N TRP A 161 -0.45 30.97 -13.27
CA TRP A 161 0.23 32.08 -13.92
C TRP A 161 -0.78 32.95 -14.65
N ASN A 162 -0.70 34.27 -14.44
CA ASN A 162 -1.60 35.23 -15.05
C ASN A 162 -3.06 34.91 -14.76
N SER A 163 -3.34 34.63 -13.48
CA SER A 163 -4.68 34.32 -13.01
C SER A 163 -5.28 33.11 -13.72
N GLY A 164 -4.43 32.17 -14.13
CA GLY A 164 -4.87 30.98 -14.83
C GLY A 164 -5.02 31.13 -16.33
N ALA A 165 -4.78 32.32 -16.88
CA ALA A 165 -4.88 32.53 -18.32
C ALA A 165 -3.68 31.99 -19.09
N LEU A 166 -2.61 31.63 -18.40
CA LEU A 166 -1.41 31.07 -19.02
C LEU A 166 -1.24 29.65 -18.49
N THR A 167 -1.58 28.67 -19.33
CA THR A 167 -1.52 27.26 -18.95
C THR A 167 -0.45 26.48 -19.68
N SER A 168 -0.11 26.86 -20.91
CA SER A 168 0.88 26.13 -21.70
C SER A 168 2.28 26.60 -21.35
N GLY A 169 3.15 25.65 -21.00
CA GLY A 169 4.50 25.94 -20.57
C GLY A 169 4.71 25.91 -19.08
N VAL A 170 3.63 25.99 -18.29
CA VAL A 170 3.76 25.95 -16.84
C VAL A 170 4.11 24.54 -16.39
N HIS A 171 5.01 24.44 -15.41
CA HIS A 171 5.39 23.15 -14.84
C HIS A 171 5.74 23.37 -13.37
N THR A 172 4.75 23.15 -12.49
CA THR A 172 4.97 23.21 -11.05
C THR A 172 5.67 21.93 -10.62
N PHE A 173 6.83 22.06 -9.99
CA PHE A 173 7.65 20.93 -9.61
C PHE A 173 7.24 20.38 -8.25
N PRO A 174 7.53 19.11 -7.98
CA PRO A 174 7.28 18.57 -6.64
C PRO A 174 8.19 19.23 -5.62
N ALA A 175 7.67 19.37 -4.41
CA ALA A 175 8.39 20.10 -3.37
C ALA A 175 9.47 19.22 -2.74
N VAL A 176 10.38 19.88 -2.03
CA VAL A 176 11.42 19.21 -1.27
C VAL A 176 11.26 19.59 0.19
N LEU A 177 11.63 18.65 1.08
CA LEU A 177 11.54 18.86 2.52
C LEU A 177 12.95 18.99 3.07
N GLN A 178 13.24 20.11 3.72
CA GLN A 178 14.55 20.39 4.27
C GLN A 178 14.66 19.86 5.70
N SER A 179 15.88 19.89 6.23
CA SER A 179 16.12 19.38 7.58
C SER A 179 15.31 20.12 8.63
N SER A 180 14.88 21.35 8.35
CA SER A 180 14.05 22.08 9.30
C SER A 180 12.63 21.50 9.36
N GLY A 181 12.19 20.86 8.28
CA GLY A 181 10.85 20.32 8.21
C GLY A 181 9.86 21.14 7.40
N LEU A 182 10.33 22.10 6.61
CA LEU A 182 9.49 22.96 5.80
C LEU A 182 9.65 22.61 4.33
N TYR A 183 8.56 22.77 3.58
CA TYR A 183 8.55 22.45 2.16
C TYR A 183 8.89 23.68 1.32
N SER A 184 9.53 23.43 0.18
CA SER A 184 9.81 24.46 -0.80
C SER A 184 9.69 23.86 -2.19
N LEU A 185 9.12 24.64 -3.11
CA LEU A 185 8.95 24.18 -4.49
C LEU A 185 9.19 25.36 -5.43
N SER A 186 9.28 25.04 -6.72
CA SER A 186 9.42 26.04 -7.77
C SER A 186 8.47 25.71 -8.90
N SER A 187 7.87 26.76 -9.48
CA SER A 187 7.00 26.64 -10.64
C SER A 187 7.56 27.54 -11.75
N VAL A 188 7.89 26.94 -12.89
CA VAL A 188 8.56 27.65 -13.96
C VAL A 188 7.73 27.50 -15.24
N VAL A 189 7.75 28.55 -16.05
CA VAL A 189 7.06 28.57 -17.34
C VAL A 189 8.04 29.01 -18.41
N THR A 190 8.00 28.35 -19.56
CA THR A 190 8.81 28.72 -20.71
C THR A 190 7.95 29.52 -21.68
N VAL A 191 8.48 30.67 -22.12
CA VAL A 191 7.72 31.60 -22.96
C VAL A 191 8.64 32.14 -24.04
N PRO A 192 8.07 32.59 -25.17
CA PRO A 192 8.90 33.22 -26.21
C PRO A 192 9.70 34.40 -25.66
N SER A 193 10.95 34.49 -26.11
CA SER A 193 11.83 35.56 -25.66
C SER A 193 11.32 36.93 -26.10
N SER A 194 10.57 36.99 -27.20
CA SER A 194 10.07 38.27 -27.69
C SER A 194 9.05 38.87 -26.74
N SER A 195 8.27 38.02 -26.06
CA SER A 195 7.25 38.52 -25.14
C SER A 195 7.85 39.22 -23.93
N LEU A 196 9.12 38.98 -23.61
CA LEU A 196 9.76 39.69 -22.52
C LEU A 196 9.77 41.18 -22.79
N GLY A 197 9.26 41.96 -21.84
CA GLY A 197 9.10 43.39 -22.01
C GLY A 197 7.73 43.74 -22.57
N THR A 198 7.23 42.92 -23.48
CA THR A 198 5.90 43.12 -24.05
C THR A 198 4.80 42.47 -23.21
N GLN A 199 5.09 41.33 -22.60
CA GLN A 199 4.12 40.57 -21.81
C GLN A 199 4.57 40.51 -20.36
N THR A 200 3.66 40.84 -19.44
CA THR A 200 3.93 40.74 -18.02
C THR A 200 3.45 39.39 -17.49
N TYR A 201 4.29 38.76 -16.67
CA TYR A 201 4.01 37.43 -16.13
C TYR A 201 3.81 37.53 -14.63
N ILE A 202 2.61 37.19 -14.18
CA ILE A 202 2.23 37.25 -12.78
C ILE A 202 2.20 35.83 -12.22
N CYS A 203 2.74 35.65 -11.03
CA CYS A 203 2.90 34.35 -10.39
C CYS A 203 1.93 34.27 -9.22
N ASN A 204 0.92 33.41 -9.35
CA ASN A 204 -0.16 33.31 -8.38
C ASN A 204 0.08 32.10 -7.48
N VAL A 205 0.55 32.36 -6.26
CA VAL A 205 0.78 31.32 -5.26
C VAL A 205 -0.42 31.25 -4.33
N ASN A 206 -0.83 30.02 -3.99
CA ASN A 206 -1.96 29.79 -3.11
C ASN A 206 -1.61 28.72 -2.10
N HIS A 207 -1.78 29.03 -0.82
CA HIS A 207 -1.52 28.11 0.29
C HIS A 207 -2.74 28.14 1.21
N LYS A 208 -3.70 27.25 0.95
CA LYS A 208 -4.93 27.24 1.73
C LYS A 208 -4.73 26.93 3.22
N PRO A 209 -3.81 26.04 3.63
CA PRO A 209 -3.65 25.80 5.08
C PRO A 209 -3.41 27.05 5.92
N SER A 210 -2.78 28.09 5.37
CA SER A 210 -2.53 29.31 6.11
C SER A 210 -3.28 30.51 5.54
N ASN A 211 -4.17 30.29 4.57
CA ASN A 211 -5.04 31.32 4.03
C ASN A 211 -4.25 32.50 3.46
N THR A 212 -3.23 32.20 2.68
CA THR A 212 -2.36 33.20 2.08
C THR A 212 -2.32 33.02 0.57
N LYS A 213 -2.47 34.14 -0.15
CA LYS A 213 -2.34 34.17 -1.59
C LYS A 213 -1.32 35.23 -1.95
N VAL A 214 -0.25 34.82 -2.62
CA VAL A 214 0.85 35.71 -3.00
C VAL A 214 0.86 35.86 -4.51
N ASP A 215 1.04 37.09 -4.98
CA ASP A 215 1.13 37.40 -6.40
C ASP A 215 2.49 38.04 -6.65
N LYS A 216 3.32 37.37 -7.44
CA LYS A 216 4.65 37.85 -7.78
C LYS A 216 4.73 38.17 -9.27
N LYS A 217 5.37 39.28 -9.58
CA LYS A 217 5.60 39.69 -10.97
C LYS A 217 7.06 39.38 -11.32
N VAL A 218 7.26 38.43 -12.21
CA VAL A 218 8.59 38.03 -12.64
C VAL A 218 8.96 38.83 -13.88
N GLU A 219 10.05 39.58 -13.79
CA GLU A 219 10.50 40.46 -14.86
C GLU A 219 12.01 40.40 -14.96
N PRO A 220 12.58 40.66 -16.14
CA PRO A 220 14.03 40.61 -16.28
C PRO A 220 14.73 41.63 -15.39
N LYS A 221 15.94 41.30 -14.98
CA LYS A 221 16.73 42.18 -14.13
C LYS A 221 17.14 43.46 -14.86
N ALA B 4 -42.92 -23.12 -12.53
CA ALA B 4 -41.69 -23.83 -12.25
C ALA B 4 -40.57 -22.85 -11.88
N LYS B 5 -39.35 -23.19 -12.29
CA LYS B 5 -38.18 -22.35 -12.03
C LYS B 5 -38.01 -21.38 -13.19
N VAL B 6 -38.33 -20.11 -12.97
CA VAL B 6 -38.11 -19.08 -13.98
C VAL B 6 -36.63 -18.71 -13.95
N THR B 7 -35.90 -19.11 -14.98
CA THR B 7 -34.46 -18.90 -15.06
C THR B 7 -34.14 -17.95 -16.22
N VAL B 8 -32.83 -17.78 -16.49
CA VAL B 8 -32.41 -16.91 -17.56
C VAL B 8 -32.76 -17.50 -18.92
N ASP B 9 -32.83 -18.83 -19.02
CA ASP B 9 -33.13 -19.50 -20.27
C ASP B 9 -34.62 -19.63 -20.54
N THR B 10 -35.46 -19.24 -19.59
CA THR B 10 -36.90 -19.34 -19.78
C THR B 10 -37.36 -18.42 -20.90
N VAL B 11 -38.16 -18.96 -21.82
CA VAL B 11 -38.72 -18.20 -22.94
C VAL B 11 -40.15 -17.86 -22.58
N CYS B 12 -40.42 -16.59 -22.33
CA CYS B 12 -41.77 -16.14 -21.98
C CYS B 12 -42.59 -15.99 -23.24
N LYS B 13 -43.57 -16.87 -23.42
CA LYS B 13 -44.43 -16.82 -24.60
C LYS B 13 -45.30 -15.57 -24.54
N ARG B 14 -45.25 -14.77 -25.61
CA ARG B 14 -45.96 -13.50 -25.68
C ARG B 14 -45.56 -12.58 -24.53
N GLY B 15 -44.26 -12.51 -24.26
CA GLY B 15 -43.75 -11.69 -23.17
C GLY B 15 -42.25 -11.66 -23.16
N PHE B 16 -41.70 -11.05 -22.11
CA PHE B 16 -40.26 -10.90 -21.98
C PHE B 16 -39.86 -11.11 -20.52
N LEU B 17 -38.55 -11.20 -20.30
CA LEU B 17 -37.99 -11.47 -18.99
C LEU B 17 -37.62 -10.18 -18.28
N ILE B 18 -37.82 -10.17 -16.95
CA ILE B 18 -37.35 -9.10 -16.08
C ILE B 18 -36.64 -9.72 -14.89
N GLN B 19 -35.76 -8.93 -14.27
CA GLN B 19 -34.98 -9.40 -13.13
C GLN B 19 -35.04 -8.38 -12.00
N MET B 20 -35.12 -8.89 -10.78
CA MET B 20 -35.04 -8.04 -9.59
C MET B 20 -33.90 -8.49 -8.70
N SER B 21 -33.94 -8.14 -7.41
CA SER B 21 -32.81 -8.39 -6.52
C SER B 21 -32.52 -9.88 -6.37
N GLY B 22 -33.56 -10.70 -6.34
CA GLY B 22 -33.36 -12.09 -6.01
C GLY B 22 -34.16 -13.12 -6.79
N HIS B 23 -34.67 -12.75 -7.96
CA HIS B 23 -35.46 -13.67 -8.77
C HIS B 23 -35.60 -13.10 -10.17
N LEU B 24 -36.27 -13.86 -11.03
CA LEU B 24 -36.62 -13.45 -12.38
C LEU B 24 -38.10 -13.68 -12.59
N GLU B 25 -38.67 -12.97 -13.56
CA GLU B 25 -40.09 -13.11 -13.87
C GLU B 25 -40.32 -12.86 -15.36
N CYS B 26 -41.51 -13.22 -15.82
CA CYS B 26 -41.97 -12.94 -17.17
C CYS B 26 -43.00 -11.82 -17.12
N LYS B 27 -42.78 -10.78 -17.92
CA LYS B 27 -43.73 -9.69 -18.06
C LYS B 27 -44.37 -9.77 -19.43
N CYS B 28 -45.70 -9.62 -19.47
CA CYS B 28 -46.44 -9.79 -20.71
C CYS B 28 -46.41 -8.51 -21.54
N GLU B 29 -46.29 -8.68 -22.85
CA GLU B 29 -46.24 -7.55 -23.76
C GLU B 29 -47.60 -6.87 -23.87
N ASN B 30 -47.56 -5.55 -24.10
CA ASN B 30 -48.76 -4.74 -24.35
C ASN B 30 -49.70 -4.90 -23.15
N ASP B 31 -50.91 -5.40 -23.33
CA ASP B 31 -51.91 -5.50 -22.26
C ASP B 31 -52.25 -6.95 -21.97
N LEU B 32 -51.29 -7.85 -22.16
CA LEU B 32 -51.54 -9.28 -21.99
C LEU B 32 -51.41 -9.66 -20.51
N VAL B 33 -51.80 -10.89 -20.20
CA VAL B 33 -51.79 -11.38 -18.83
C VAL B 33 -51.15 -12.76 -18.77
N LEU B 34 -50.75 -13.15 -17.57
CA LEU B 34 -50.02 -14.40 -17.34
C LEU B 34 -51.00 -15.52 -17.07
N VAL B 35 -51.06 -16.50 -17.97
CA VAL B 35 -51.84 -17.71 -17.70
C VAL B 35 -51.05 -18.65 -16.80
N ASN B 36 -49.74 -18.76 -17.02
CA ASN B 36 -48.84 -19.45 -16.11
C ASN B 36 -47.61 -18.57 -15.93
N GLU B 37 -46.54 -19.16 -15.38
CA GLU B 37 -45.33 -18.40 -15.12
C GLU B 37 -44.57 -18.03 -16.39
N GLU B 38 -44.81 -18.73 -17.50
CA GLU B 38 -43.98 -18.57 -18.68
C GLU B 38 -44.76 -18.32 -19.97
N THR B 39 -46.09 -18.18 -19.91
CA THR B 39 -46.89 -17.93 -21.10
C THR B 39 -47.86 -16.78 -20.83
N CYS B 40 -48.14 -16.01 -21.88
CA CYS B 40 -49.08 -14.90 -21.80
C CYS B 40 -50.19 -15.10 -22.81
N GLU B 41 -51.41 -14.70 -22.42
CA GLU B 41 -52.57 -14.75 -23.28
C GLU B 41 -53.42 -13.52 -22.99
N GLU B 42 -54.30 -13.18 -23.93
CA GLU B 42 -55.10 -11.98 -23.78
C GLU B 42 -56.06 -12.13 -22.61
N LYS B 43 -56.08 -11.13 -21.73
CA LYS B 43 -56.95 -11.14 -20.57
C LYS B 43 -58.30 -10.54 -20.93
N VAL B 44 -59.36 -11.14 -20.42
CA VAL B 44 -60.69 -10.59 -20.63
C VAL B 44 -61.27 -10.09 -19.31
N LYS B 46 -63.27 -7.61 -17.20
CA LYS B 46 -64.48 -8.20 -16.63
C LYS B 46 -64.83 -9.52 -17.31
N CYS B 47 -65.41 -10.42 -16.55
CA CYS B 47 -65.72 -11.78 -17.01
C CYS B 47 -67.21 -11.92 -17.27
N ASP B 48 -67.55 -12.60 -18.36
CA ASP B 48 -68.94 -12.84 -18.72
C ASP B 48 -69.21 -14.35 -18.77
N GLU B 49 -70.40 -14.72 -19.24
CA GLU B 49 -70.78 -16.13 -19.30
C GLU B 49 -70.01 -16.87 -20.39
N LYS B 50 -69.76 -16.21 -21.52
CA LYS B 50 -69.00 -16.84 -22.59
C LYS B 50 -67.53 -16.99 -22.21
N THR B 51 -67.03 -16.09 -21.36
CA THR B 51 -65.62 -16.05 -20.97
C THR B 51 -65.32 -16.85 -19.71
N VAL B 52 -66.02 -17.97 -19.49
CA VAL B 52 -65.83 -18.73 -18.27
C VAL B 52 -64.52 -19.48 -18.30
N ASN B 53 -63.78 -19.43 -17.18
CA ASN B 53 -62.47 -20.07 -17.03
C ASN B 53 -61.45 -19.50 -18.01
N LYS B 54 -61.63 -18.25 -18.39
CA LYS B 54 -60.68 -17.48 -19.19
C LYS B 54 -59.88 -16.56 -18.28
N PRO B 55 -58.74 -16.04 -18.74
CA PRO B 55 -57.92 -15.18 -17.87
C PRO B 55 -58.56 -13.82 -17.61
N CYS B 56 -59.03 -13.61 -16.38
CA CYS B 56 -59.54 -12.32 -15.95
C CYS B 56 -58.48 -11.48 -15.25
N GLY B 57 -57.29 -12.04 -15.05
CA GLY B 57 -56.19 -11.30 -14.42
C GLY B 57 -54.98 -12.20 -14.34
N ASP B 58 -53.91 -11.64 -13.78
CA ASP B 58 -52.67 -12.38 -13.61
C ASP B 58 -52.87 -13.53 -12.65
N PHE B 59 -52.72 -14.77 -13.14
CA PHE B 59 -52.93 -15.98 -12.35
C PHE B 59 -54.33 -16.01 -11.74
N SER B 60 -55.33 -15.66 -12.55
CA SER B 60 -56.71 -15.63 -12.09
C SER B 60 -57.63 -16.16 -13.19
N LYS B 61 -58.61 -16.96 -12.78
CA LYS B 61 -59.66 -17.47 -13.66
C LYS B 61 -61.01 -17.01 -13.13
N CYS B 62 -62.07 -17.43 -13.82
CA CYS B 62 -63.41 -17.02 -13.40
C CYS B 62 -64.18 -18.18 -12.78
N CYS B 74 -64.04 -13.14 -10.46
CA CYS B 74 -62.65 -13.24 -10.88
C CYS B 74 -61.76 -13.64 -9.71
N LYS B 75 -61.70 -14.94 -9.44
CA LYS B 75 -60.91 -15.49 -8.36
C LYS B 75 -59.54 -15.94 -8.86
N CYS B 76 -58.54 -15.81 -8.00
CA CYS B 76 -57.19 -16.21 -8.36
C CYS B 76 -57.08 -17.73 -8.41
N ASN B 77 -56.04 -18.21 -9.09
CA ASN B 77 -55.81 -19.64 -9.22
C ASN B 77 -55.39 -20.23 -7.87
N LEU B 78 -55.23 -21.56 -7.86
CA LEU B 78 -54.81 -22.25 -6.64
C LEU B 78 -53.39 -21.81 -6.26
N GLY B 79 -53.22 -21.49 -4.98
CA GLY B 79 -51.96 -21.01 -4.47
C GLY B 79 -51.86 -19.51 -4.37
N TYR B 80 -52.76 -18.77 -5.02
CA TYR B 80 -52.77 -17.32 -5.01
C TYR B 80 -54.03 -16.82 -4.34
N ASP B 81 -53.96 -15.58 -3.84
CA ASP B 81 -55.09 -14.95 -3.18
C ASP B 81 -55.21 -13.50 -3.65
N MET B 82 -56.45 -13.06 -3.89
CA MET B 82 -56.69 -11.70 -4.35
C MET B 82 -56.45 -10.75 -3.18
N VAL B 83 -55.31 -10.07 -3.20
CA VAL B 83 -54.93 -9.12 -2.16
C VAL B 83 -54.70 -7.77 -2.82
N ASN B 84 -55.56 -6.80 -2.48
CA ASN B 84 -55.46 -5.43 -2.99
C ASN B 84 -55.55 -5.39 -4.51
N ASN B 85 -56.62 -5.99 -5.03
CA ASN B 85 -57.02 -5.96 -6.43
C ASN B 85 -56.06 -6.72 -7.36
N VAL B 86 -55.06 -7.41 -6.81
CA VAL B 86 -54.16 -8.24 -7.60
C VAL B 86 -54.03 -9.60 -6.94
N CYS B 87 -53.48 -10.56 -7.69
CA CYS B 87 -53.29 -11.92 -7.22
C CYS B 87 -51.86 -12.09 -6.75
N ILE B 88 -51.70 -12.42 -5.47
CA ILE B 88 -50.39 -12.67 -4.88
C ILE B 88 -50.40 -14.07 -4.27
N PRO B 89 -49.27 -14.78 -4.23
CA PRO B 89 -49.25 -16.10 -3.58
C PRO B 89 -49.75 -16.03 -2.14
N ASN B 90 -50.39 -17.11 -1.72
CA ASN B 90 -51.01 -17.15 -0.39
C ASN B 90 -50.00 -16.90 0.72
N GLU B 91 -48.76 -17.39 0.56
CA GLU B 91 -47.76 -17.22 1.61
C GLU B 91 -47.23 -15.79 1.71
N CYS B 92 -47.57 -14.93 0.76
CA CYS B 92 -47.17 -13.53 0.78
C CYS B 92 -48.29 -12.60 1.22
N LYS B 93 -49.29 -13.13 1.93
CA LYS B 93 -50.49 -12.36 2.25
C LYS B 93 -50.17 -11.09 3.04
N GLN B 94 -49.42 -11.23 4.13
CA GLN B 94 -49.20 -10.12 5.06
C GLN B 94 -47.78 -9.57 5.03
N VAL B 95 -46.93 -10.05 4.13
CA VAL B 95 -45.54 -9.60 4.06
C VAL B 95 -45.45 -8.39 3.15
N THR B 96 -44.75 -7.35 3.60
CA THR B 96 -44.51 -6.14 2.84
C THR B 96 -43.02 -5.83 2.84
N CYS B 97 -42.51 -5.41 1.69
CA CYS B 97 -41.08 -5.14 1.54
C CYS B 97 -40.74 -3.69 1.27
N GLY B 98 -41.69 -2.88 0.82
CA GLY B 98 -41.42 -1.49 0.53
C GLY B 98 -40.78 -1.29 -0.82
N ASN B 99 -39.44 -1.21 -0.86
CA ASN B 99 -38.73 -1.03 -2.12
C ASN B 99 -38.53 -2.37 -2.82
N GLY B 100 -39.60 -3.16 -2.94
CA GLY B 100 -39.52 -4.45 -3.59
C GLY B 100 -40.84 -5.19 -3.64
N LYS B 101 -40.77 -6.52 -3.70
CA LYS B 101 -41.97 -7.34 -3.80
C LYS B 101 -41.72 -8.67 -3.09
N CYS B 102 -42.81 -9.33 -2.74
CA CYS B 102 -42.74 -10.63 -2.07
C CYS B 102 -42.80 -11.76 -3.10
N ILE B 103 -41.94 -12.76 -2.90
CA ILE B 103 -41.87 -13.93 -3.76
C ILE B 103 -41.86 -15.18 -2.88
N LEU B 104 -41.73 -16.33 -3.53
CA LEU B 104 -41.70 -17.62 -2.86
C LEU B 104 -40.27 -18.09 -2.71
N ASP B 105 -39.90 -18.46 -1.48
CA ASP B 105 -38.55 -18.95 -1.19
C ASP B 105 -38.33 -20.28 -1.90
N THR B 106 -37.44 -20.28 -2.89
CA THR B 106 -37.20 -21.49 -3.68
C THR B 106 -36.50 -22.56 -2.85
N SER B 107 -35.53 -22.18 -2.02
CA SER B 107 -34.71 -23.16 -1.32
C SER B 107 -35.53 -23.96 -0.30
N ASN B 108 -36.15 -23.26 0.65
CA ASN B 108 -36.86 -23.94 1.72
C ASN B 108 -38.03 -24.75 1.15
N PRO B 109 -38.28 -25.95 1.67
CA PRO B 109 -39.42 -26.73 1.15
C PRO B 109 -40.76 -26.07 1.40
N VAL B 110 -41.08 -25.72 2.66
CA VAL B 110 -42.24 -24.88 2.90
C VAL B 110 -41.95 -23.52 2.30
N LYS B 111 -42.47 -23.27 1.10
CA LYS B 111 -42.24 -22.00 0.43
C LYS B 111 -42.83 -20.87 1.26
N THR B 112 -41.98 -19.94 1.68
CA THR B 112 -42.35 -18.84 2.54
C THR B 112 -42.08 -17.54 1.80
N GLY B 113 -42.86 -16.51 2.13
CA GLY B 113 -42.73 -15.25 1.44
C GLY B 113 -41.46 -14.52 1.85
N VAL B 114 -40.58 -14.28 0.88
CA VAL B 114 -39.33 -13.55 1.08
C VAL B 114 -39.35 -12.36 0.13
N CYS B 115 -38.50 -11.37 0.45
CA CYS B 115 -38.52 -10.11 -0.30
C CYS B 115 -37.52 -10.13 -1.44
N SER B 116 -37.95 -9.58 -2.57
CA SER B 116 -37.09 -9.34 -3.74
C SER B 116 -37.19 -7.86 -4.08
N CYS B 117 -36.05 -7.18 -4.07
CA CYS B 117 -36.01 -5.73 -4.09
C CYS B 117 -35.80 -5.21 -5.52
N ASN B 118 -36.11 -3.93 -5.69
CA ASN B 118 -35.81 -3.25 -6.95
C ASN B 118 -34.31 -3.10 -7.13
N ILE B 119 -33.91 -2.71 -8.34
CA ILE B 119 -32.50 -2.55 -8.64
C ILE B 119 -31.94 -1.40 -7.81
N GLY B 120 -30.87 -1.67 -7.07
CA GLY B 120 -30.29 -0.70 -6.16
C GLY B 120 -30.53 -1.01 -4.70
N LYS B 121 -31.46 -1.90 -4.38
CA LYS B 121 -31.76 -2.27 -3.00
C LYS B 121 -31.58 -3.78 -2.82
N VAL B 122 -31.35 -4.15 -1.56
CA VAL B 122 -31.15 -5.55 -1.18
C VAL B 122 -31.84 -5.81 0.15
N PRO B 123 -32.12 -7.08 0.47
CA PRO B 123 -32.70 -7.39 1.78
C PRO B 123 -31.77 -6.96 2.91
N ASN B 124 -32.34 -6.26 3.89
CA ASN B 124 -31.59 -5.73 5.02
C ASN B 124 -31.71 -6.68 6.20
N VAL B 125 -30.57 -7.21 6.65
CA VAL B 125 -30.57 -8.20 7.73
C VAL B 125 -31.08 -7.58 9.03
N GLN B 126 -30.84 -6.29 9.24
CA GLN B 126 -31.33 -5.60 10.42
C GLN B 126 -32.74 -5.03 10.24
N ASP B 127 -33.48 -5.55 9.26
CA ASP B 127 -34.85 -5.10 9.04
C ASP B 127 -35.71 -6.26 8.55
N GLN B 128 -35.52 -7.44 9.14
CA GLN B 128 -36.31 -8.63 8.82
C GLN B 128 -36.26 -8.95 7.33
N ASN B 129 -35.09 -8.72 6.71
CA ASN B 129 -34.88 -8.96 5.29
C ASN B 129 -35.88 -8.17 4.43
N LYS B 130 -36.04 -6.89 4.76
CA LYS B 130 -36.82 -5.96 3.95
C LYS B 130 -35.90 -5.16 3.05
N CYS B 131 -36.51 -4.44 2.11
CA CYS B 131 -35.77 -3.72 1.07
C CYS B 131 -35.45 -2.29 1.52
N SER B 132 -34.61 -2.21 2.56
CA SER B 132 -34.18 -0.94 3.10
C SER B 132 -32.67 -0.79 3.10
N LYS B 133 -31.94 -1.64 2.38
CA LYS B 133 -30.49 -1.59 2.33
C LYS B 133 -30.04 -1.38 0.88
N ASP B 134 -29.17 -0.39 0.67
CA ASP B 134 -28.59 -0.17 -0.65
C ASP B 134 -27.58 -1.25 -0.97
N GLY B 135 -27.74 -1.89 -2.13
CA GLY B 135 -26.85 -2.95 -2.54
C GLY B 135 -26.83 -3.10 -4.04
N GLU B 136 -25.87 -3.88 -4.52
CA GLU B 136 -25.68 -4.10 -5.94
C GLU B 136 -26.37 -5.38 -6.37
N THR B 137 -26.91 -5.37 -7.59
CA THR B 137 -27.52 -6.55 -8.19
C THR B 137 -27.03 -6.65 -9.63
N LYS B 138 -26.22 -7.66 -9.91
CA LYS B 138 -25.66 -7.83 -11.24
C LYS B 138 -26.68 -8.48 -12.17
N CYS B 139 -26.90 -7.86 -13.32
CA CYS B 139 -27.87 -8.40 -14.27
C CYS B 139 -27.32 -9.63 -14.95
N SER B 140 -28.08 -10.72 -14.93
CA SER B 140 -27.69 -11.96 -15.59
C SER B 140 -28.48 -12.21 -16.86
N LEU B 141 -29.26 -11.24 -17.33
CA LEU B 141 -30.06 -11.43 -18.52
C LEU B 141 -29.18 -11.44 -19.76
N LYS B 142 -29.44 -12.39 -20.65
CA LYS B 142 -28.73 -12.50 -21.92
C LYS B 142 -29.62 -11.90 -23.00
N CYS B 143 -29.38 -10.63 -23.33
CA CYS B 143 -30.16 -9.93 -24.35
C CYS B 143 -29.45 -10.14 -25.69
N LEU B 144 -29.84 -11.19 -26.39
CA LEU B 144 -29.19 -11.58 -27.65
C LEU B 144 -29.81 -10.92 -28.87
N LYS B 145 -30.94 -10.24 -28.72
CA LYS B 145 -31.61 -9.62 -29.85
C LYS B 145 -30.74 -8.49 -30.42
N GLU B 146 -31.17 -7.96 -31.57
CA GLU B 146 -30.36 -7.01 -32.32
C GLU B 146 -30.23 -5.70 -31.56
N GLN B 147 -28.99 -5.35 -31.19
CA GLN B 147 -28.67 -4.08 -30.55
C GLN B 147 -29.47 -3.88 -29.25
N GLU B 148 -29.49 -4.92 -28.42
CA GLU B 148 -30.13 -4.86 -27.11
C GLU B 148 -29.14 -5.26 -26.02
N THR B 149 -29.31 -4.64 -24.86
CA THR B 149 -28.49 -4.94 -23.69
C THR B 149 -29.36 -4.83 -22.45
N CYS B 150 -28.85 -5.31 -21.33
CA CYS B 150 -29.59 -5.25 -20.07
C CYS B 150 -29.45 -3.85 -19.48
N LYS B 151 -30.59 -3.20 -19.26
CA LYS B 151 -30.63 -1.87 -18.66
C LYS B 151 -31.66 -1.87 -17.53
N ALA B 152 -31.44 -1.00 -16.56
CA ALA B 152 -32.33 -0.87 -15.41
C ALA B 152 -33.39 0.20 -15.74
N VAL B 153 -34.61 -0.25 -15.99
CA VAL B 153 -35.71 0.62 -16.37
C VAL B 153 -36.78 0.51 -15.29
N ASP B 154 -37.02 1.61 -14.57
CA ASP B 154 -38.08 1.69 -13.56
C ASP B 154 -37.88 0.66 -12.45
N GLY B 155 -36.64 0.48 -12.01
CA GLY B 155 -36.33 -0.36 -10.87
C GLY B 155 -36.19 -1.84 -11.16
N ILE B 156 -36.27 -2.27 -12.42
CA ILE B 156 -36.10 -3.66 -12.78
C ILE B 156 -35.18 -3.74 -13.99
N TYR B 157 -34.48 -4.87 -14.11
CA TYR B 157 -33.66 -5.13 -15.29
C TYR B 157 -34.52 -5.70 -16.40
N LYS B 158 -34.22 -5.31 -17.64
CA LYS B 158 -34.95 -5.81 -18.80
C LYS B 158 -34.11 -5.57 -20.03
N CYS B 159 -34.45 -6.28 -21.11
CA CYS B 159 -33.76 -6.15 -22.38
C CYS B 159 -34.35 -4.98 -23.15
N ASP B 160 -33.56 -3.93 -23.35
CA ASP B 160 -33.94 -2.75 -24.09
C ASP B 160 -32.84 -2.43 -25.08
N CYS B 161 -33.11 -1.46 -25.97
CA CYS B 161 -32.12 -1.09 -26.98
C CYS B 161 -30.84 -0.60 -26.32
N LYS B 162 -29.72 -0.82 -27.02
CA LYS B 162 -28.42 -0.43 -26.50
C LYS B 162 -28.29 1.09 -26.47
N ASP B 163 -27.17 1.55 -25.93
CA ASP B 163 -26.92 2.98 -25.74
C ASP B 163 -26.97 3.74 -27.07
N GLY B 164 -28.04 4.51 -27.28
CA GLY B 164 -28.18 5.33 -28.47
C GLY B 164 -29.12 4.79 -29.52
N PHE B 165 -29.79 3.67 -29.29
CA PHE B 165 -30.69 3.08 -30.27
C PHE B 165 -32.15 3.24 -29.87
N ILE B 166 -33.01 3.36 -30.87
CA ILE B 166 -34.44 3.54 -30.69
C ILE B 166 -35.16 2.47 -31.52
N ILE B 167 -36.19 1.86 -30.91
CA ILE B 167 -36.95 0.83 -31.60
C ILE B 167 -37.70 1.46 -32.78
N ASP B 168 -37.43 0.95 -33.98
CA ASP B 168 -38.13 1.40 -35.18
C ASP B 168 -39.45 0.65 -35.30
N GLN B 169 -40.56 1.39 -35.21
CA GLN B 169 -41.87 0.76 -35.23
C GLN B 169 -42.17 0.07 -36.56
N GLU B 170 -41.44 0.41 -37.62
CA GLU B 170 -41.65 -0.25 -38.90
C GLU B 170 -41.13 -1.68 -38.89
N SER B 171 -40.13 -1.96 -38.07
CA SER B 171 -39.55 -3.30 -37.97
C SER B 171 -39.45 -3.84 -36.55
N SER B 172 -39.77 -3.04 -35.53
CA SER B 172 -39.66 -3.45 -34.13
C SER B 172 -38.24 -3.84 -33.76
N ILE B 173 -37.25 -3.26 -34.43
CA ILE B 173 -35.85 -3.52 -34.19
C ILE B 173 -35.19 -2.23 -33.70
N CYS B 174 -34.09 -2.38 -32.96
CA CYS B 174 -33.37 -1.23 -32.44
C CYS B 174 -32.40 -0.72 -33.51
N THR B 175 -32.70 0.46 -34.06
CA THR B 175 -31.84 1.12 -35.04
C THR B 175 -31.56 2.54 -34.58
N GLY B 176 -30.83 3.28 -35.40
CA GLY B 176 -30.48 4.65 -35.09
C GLY B 176 -30.45 5.56 -36.31
N LEU C 4 -9.35 -7.36 -3.20
CA LEU C 4 -9.04 -7.89 -4.52
C LEU C 4 -7.52 -7.89 -4.75
N SER C 5 -7.04 -8.85 -5.54
CA SER C 5 -5.61 -9.06 -5.74
C SER C 5 -5.22 -8.61 -7.14
N GLN C 6 -4.20 -7.76 -7.24
CA GLN C 6 -3.62 -7.32 -8.49
C GLN C 6 -2.11 -7.48 -8.45
N PRO C 7 -1.49 -7.69 -9.61
CA PRO C 7 -0.02 -7.68 -9.67
C PRO C 7 0.51 -6.28 -9.44
N PRO C 8 1.53 -6.12 -8.59
CA PRO C 8 2.02 -4.76 -8.29
C PRO C 8 2.60 -4.04 -9.50
N SER C 9 3.36 -4.76 -10.35
CA SER C 9 3.99 -4.15 -11.51
C SER C 9 3.69 -4.97 -12.75
N VAL C 10 3.38 -4.28 -13.85
CA VAL C 10 3.13 -4.91 -15.15
C VAL C 10 3.82 -4.06 -16.21
N SER C 11 4.75 -4.66 -16.93
CA SER C 11 5.48 -3.99 -18.00
C SER C 11 5.00 -4.48 -19.36
N VAL C 12 4.82 -3.54 -20.29
CA VAL C 12 4.38 -3.85 -21.64
C VAL C 12 5.20 -3.04 -22.63
N SER C 13 5.57 -3.67 -23.74
CA SER C 13 6.26 -2.95 -24.80
C SER C 13 5.30 -2.01 -25.51
N ALA C 14 5.84 -0.87 -25.94
CA ALA C 14 5.02 0.14 -26.61
C ALA C 14 4.38 -0.43 -27.87
N GLY C 15 3.06 -0.21 -28.01
CA GLY C 15 2.32 -0.71 -29.13
C GLY C 15 1.76 -2.12 -28.97
N GLN C 16 2.13 -2.81 -27.89
CA GLN C 16 1.66 -4.16 -27.65
C GLN C 16 0.41 -4.11 -26.78
N THR C 17 -0.06 -5.28 -26.35
CA THR C 17 -1.26 -5.39 -25.53
C THR C 17 -0.87 -5.69 -24.09
N ALA C 18 -1.41 -4.91 -23.15
CA ALA C 18 -1.16 -5.10 -21.74
C ALA C 18 -2.41 -5.65 -21.07
N SER C 19 -2.21 -6.61 -20.17
CA SER C 19 -3.30 -7.25 -19.45
C SER C 19 -3.08 -7.11 -17.96
N ILE C 20 -4.06 -6.54 -17.27
CA ILE C 20 -4.02 -6.36 -15.81
C ILE C 20 -5.16 -7.16 -15.22
N THR C 21 -4.83 -8.14 -14.39
CA THR C 21 -5.81 -9.07 -13.85
C THR C 21 -6.24 -8.65 -12.45
N CYS C 22 -7.46 -9.02 -12.08
CA CYS C 22 -8.02 -8.73 -10.77
C CYS C 22 -8.76 -9.97 -10.30
N SER C 23 -8.25 -10.60 -9.23
CA SER C 23 -8.80 -11.85 -8.74
C SER C 23 -9.61 -11.60 -7.47
N GLY C 24 -10.74 -12.29 -7.36
CA GLY C 24 -11.62 -12.16 -6.21
C GLY C 24 -12.26 -13.48 -5.84
N ASP C 25 -13.03 -13.46 -4.76
CA ASP C 25 -13.68 -14.67 -4.28
C ASP C 25 -14.74 -15.14 -5.27
N LYS C 26 -15.72 -14.30 -5.55
CA LYS C 26 -16.77 -14.59 -6.52
C LYS C 26 -16.97 -13.37 -7.42
N LEU C 27 -15.87 -12.94 -8.06
CA LEU C 27 -15.87 -11.70 -8.82
C LEU C 27 -16.72 -11.78 -10.07
N GLY C 28 -16.98 -12.99 -10.58
CA GLY C 28 -17.82 -13.13 -11.76
C GLY C 28 -19.25 -12.69 -11.52
N GLY C 29 -19.72 -12.71 -10.28
CA GLY C 29 -21.05 -12.27 -9.92
C GLY C 29 -21.17 -10.81 -9.57
N LYS C 30 -20.07 -10.07 -9.57
CA LYS C 30 -20.06 -8.65 -9.29
C LYS C 30 -19.72 -7.85 -10.55
N TYR C 31 -20.10 -6.58 -10.53
CA TYR C 31 -19.71 -5.67 -11.60
C TYR C 31 -18.30 -5.16 -11.37
N GLY C 32 -17.49 -5.20 -12.41
CA GLY C 32 -16.10 -4.78 -12.34
C GLY C 32 -15.93 -3.33 -12.77
N TYR C 33 -15.16 -2.58 -11.98
CA TYR C 33 -14.90 -1.17 -12.25
C TYR C 33 -13.39 -0.93 -12.21
N TRP C 34 -12.89 -0.22 -13.21
CA TRP C 34 -11.46 0.06 -13.33
C TRP C 34 -11.23 1.56 -13.31
N TYR C 35 -10.16 1.97 -12.62
CA TYR C 35 -9.84 3.38 -12.46
C TYR C 35 -8.38 3.61 -12.80
N GLN C 36 -8.10 4.71 -13.50
CA GLN C 36 -6.75 5.13 -13.84
C GLN C 36 -6.40 6.35 -12.99
N GLN C 37 -5.24 6.31 -12.36
CA GLN C 37 -4.78 7.41 -11.50
C GLN C 37 -3.34 7.77 -11.87
N ARG C 38 -3.17 8.94 -12.44
CA ARG C 38 -1.87 9.52 -12.72
C ARG C 38 -1.35 10.28 -11.50
N PRO C 39 -0.03 10.41 -11.36
CA PRO C 39 0.52 11.00 -10.13
C PRO C 39 0.03 12.41 -9.88
N GLY C 40 -0.48 12.65 -8.68
CA GLY C 40 -0.88 13.95 -8.21
C GLY C 40 -2.37 14.24 -8.32
N GLN C 41 -3.05 13.66 -9.31
CA GLN C 41 -4.44 13.96 -9.57
C GLN C 41 -5.33 12.82 -9.10
N SER C 42 -6.65 13.03 -9.21
CA SER C 42 -7.65 12.09 -8.77
C SER C 42 -7.85 10.98 -9.81
N PRO C 43 -8.29 9.80 -9.38
CA PRO C 43 -8.54 8.71 -10.33
C PRO C 43 -9.74 9.02 -11.21
N ILE C 44 -9.74 8.42 -12.40
CA ILE C 44 -10.84 8.54 -13.35
C ILE C 44 -11.33 7.14 -13.71
N LEU C 45 -12.63 7.02 -13.92
CA LEU C 45 -13.23 5.74 -14.29
C LEU C 45 -12.98 5.46 -15.77
N VAL C 46 -12.32 4.33 -16.06
CA VAL C 46 -12.04 3.96 -17.43
C VAL C 46 -12.87 2.77 -17.90
N ILE C 47 -13.28 1.88 -17.00
CA ILE C 47 -14.10 0.73 -17.34
C ILE C 47 -15.12 0.52 -16.22
N TYR C 48 -16.40 0.46 -16.59
CA TYR C 48 -17.47 0.22 -15.64
C TYR C 48 -18.35 -0.92 -16.16
N GLN C 49 -19.00 -1.62 -15.23
CA GLN C 49 -19.86 -2.76 -15.55
C GLN C 49 -19.10 -3.80 -16.38
N ASP C 50 -17.99 -4.25 -15.82
CA ASP C 50 -17.17 -5.33 -16.38
C ASP C 50 -16.50 -4.93 -17.70
N SER C 51 -17.30 -4.59 -18.72
CA SER C 51 -16.78 -4.38 -20.05
C SER C 51 -17.08 -3.02 -20.67
N LYS C 52 -17.95 -2.21 -20.06
CA LYS C 52 -18.30 -0.94 -20.66
C LYS C 52 -17.29 0.14 -20.27
N ARG C 53 -17.14 1.12 -21.16
CA ARG C 53 -16.26 2.26 -20.95
C ARG C 53 -17.05 3.56 -21.03
N PRO C 54 -16.78 4.53 -20.16
CA PRO C 54 -17.47 5.82 -20.24
C PRO C 54 -17.04 6.61 -21.46
N SER C 55 -17.78 7.68 -21.71
CA SER C 55 -17.48 8.53 -22.85
C SER C 55 -16.13 9.21 -22.68
N GLY C 56 -15.40 9.34 -23.79
CA GLY C 56 -14.08 9.92 -23.77
C GLY C 56 -12.94 8.93 -23.58
N ILE C 57 -13.26 7.70 -23.17
CA ILE C 57 -12.22 6.67 -23.02
C ILE C 57 -11.95 6.04 -24.37
N PRO C 58 -10.69 5.98 -24.81
CA PRO C 58 -10.38 5.40 -26.12
C PRO C 58 -10.81 3.94 -26.21
N GLU C 59 -11.12 3.51 -27.45
CA GLU C 59 -11.58 2.16 -27.70
C GLU C 59 -10.51 1.11 -27.43
N ARG C 60 -9.28 1.52 -27.10
CA ARG C 60 -8.22 0.57 -26.80
C ARG C 60 -8.38 -0.06 -25.42
N PHE C 61 -9.23 0.50 -24.57
CA PHE C 61 -9.49 -0.08 -23.25
C PHE C 61 -10.64 -1.07 -23.33
N SER C 62 -10.39 -2.29 -22.86
CA SER C 62 -11.39 -3.35 -22.86
C SER C 62 -11.40 -4.01 -21.49
N GLY C 63 -12.52 -4.66 -21.18
CA GLY C 63 -12.68 -5.31 -19.89
C GLY C 63 -13.40 -6.62 -20.01
N SER C 64 -13.08 -7.53 -19.09
CA SER C 64 -13.73 -8.83 -19.01
C SER C 64 -13.83 -9.22 -17.54
N ASN C 65 -14.84 -10.03 -17.22
CA ASN C 65 -15.06 -10.44 -15.85
C ASN C 65 -15.83 -11.75 -15.87
N SER C 66 -15.20 -12.83 -15.41
CA SER C 66 -15.85 -14.13 -15.38
C SER C 66 -15.13 -14.99 -14.34
N GLY C 67 -15.92 -15.78 -13.60
CA GLY C 67 -15.36 -16.64 -12.58
C GLY C 67 -14.71 -15.89 -11.44
N ASN C 68 -13.39 -16.05 -11.28
CA ASN C 68 -12.66 -15.42 -10.20
C ASN C 68 -11.63 -14.41 -10.69
N THR C 69 -11.64 -14.07 -11.98
CA THR C 69 -10.70 -13.10 -12.53
C THR C 69 -11.42 -12.08 -13.38
N ALA C 70 -11.06 -10.81 -13.19
CA ALA C 70 -11.51 -9.71 -14.04
C ALA C 70 -10.27 -9.06 -14.63
N THR C 71 -10.22 -8.97 -15.96
CA THR C 71 -9.03 -8.54 -16.67
C THR C 71 -9.28 -7.20 -17.38
N LEU C 72 -8.31 -6.30 -17.25
CA LEU C 72 -8.28 -5.06 -18.03
C LEU C 72 -7.23 -5.20 -19.11
N THR C 73 -7.62 -4.98 -20.36
CA THR C 73 -6.74 -5.14 -21.51
C THR C 73 -6.66 -3.85 -22.29
N ILE C 74 -5.44 -3.39 -22.57
CA ILE C 74 -5.20 -2.19 -23.34
C ILE C 74 -4.39 -2.57 -24.56
N SER C 75 -4.97 -2.39 -25.74
CA SER C 75 -4.29 -2.72 -26.99
C SER C 75 -3.57 -1.48 -27.51
N GLY C 76 -2.34 -1.69 -28.00
CA GLY C 76 -1.52 -0.60 -28.47
C GLY C 76 -1.23 0.41 -27.37
N THR C 77 -0.63 -0.06 -26.29
CA THR C 77 -0.36 0.80 -25.14
C THR C 77 0.59 1.94 -25.54
N GLN C 78 0.24 3.15 -25.13
CA GLN C 78 1.00 4.35 -25.47
C GLN C 78 1.70 4.89 -24.22
N ALA C 79 2.45 5.97 -24.41
CA ALA C 79 3.16 6.59 -23.30
C ALA C 79 2.20 7.23 -22.31
N MET C 80 1.04 7.69 -22.76
CA MET C 80 0.06 8.32 -21.88
C MET C 80 -0.73 7.31 -21.06
N ASP C 81 -0.34 6.04 -21.08
CA ASP C 81 -1.00 5.00 -20.29
C ASP C 81 -0.21 4.59 -19.05
N GLU C 82 0.99 5.12 -18.87
CA GLU C 82 1.80 4.81 -17.70
C GLU C 82 1.19 5.49 -16.48
N ALA C 83 0.45 4.73 -15.68
CA ALA C 83 -0.21 5.23 -14.49
C ALA C 83 -0.55 4.04 -13.60
N ASP C 84 -1.28 4.30 -12.53
CA ASP C 84 -1.72 3.27 -11.61
C ASP C 84 -3.17 2.90 -11.92
N TYR C 85 -3.41 1.63 -12.19
CA TYR C 85 -4.74 1.14 -12.52
C TYR C 85 -5.28 0.33 -11.34
N TYR C 86 -6.48 0.68 -10.89
CA TYR C 86 -7.08 0.08 -9.71
C TYR C 86 -8.33 -0.71 -10.10
N CYS C 87 -8.65 -1.69 -9.26
CA CYS C 87 -9.79 -2.57 -9.45
C CYS C 87 -10.79 -2.35 -8.33
N GLN C 88 -12.07 -2.55 -8.63
CA GLN C 88 -13.11 -2.26 -7.64
C GLN C 88 -14.31 -3.17 -7.86
N ALA C 89 -14.93 -3.58 -6.76
CA ALA C 89 -16.16 -4.37 -6.79
C ALA C 89 -16.84 -4.25 -5.43
N TRP C 90 -18.17 -4.25 -5.45
CA TRP C 90 -18.96 -4.11 -4.23
C TRP C 90 -19.27 -5.46 -3.63
N ASP C 91 -18.93 -5.63 -2.35
CA ASP C 91 -19.21 -6.84 -1.60
C ASP C 91 -20.25 -6.55 -0.52
N ILE C 92 -20.99 -7.58 -0.13
CA ILE C 92 -22.10 -7.39 0.81
C ILE C 92 -21.59 -7.07 2.20
N SER C 93 -20.56 -7.78 2.67
CA SER C 93 -20.04 -7.57 4.01
C SER C 93 -19.24 -6.28 4.07
N THR C 94 -18.10 -6.24 3.38
CA THR C 94 -17.34 -5.01 3.20
C THR C 94 -17.83 -4.34 1.93
N ASN C 95 -18.37 -3.13 2.07
CA ASN C 95 -19.09 -2.48 0.99
C ASN C 95 -18.26 -2.34 -0.28
N TRP C 96 -17.37 -1.36 -0.33
CA TRP C 96 -16.53 -1.11 -1.49
C TRP C 96 -15.11 -1.60 -1.21
N VAL C 97 -14.53 -2.31 -2.17
CA VAL C 97 -13.20 -2.88 -2.04
C VAL C 97 -12.38 -2.47 -3.25
N PHE C 98 -11.19 -1.93 -3.01
CA PHE C 98 -10.27 -1.55 -4.07
C PHE C 98 -9.13 -2.56 -4.17
N GLY C 99 -8.59 -2.69 -5.38
CA GLY C 99 -7.44 -3.54 -5.58
C GLY C 99 -6.17 -2.91 -5.06
N GLY C 100 -5.13 -3.74 -4.93
CA GLY C 100 -3.85 -3.27 -4.44
C GLY C 100 -3.16 -2.27 -5.35
N GLY C 101 -3.48 -2.29 -6.64
CA GLY C 101 -2.90 -1.38 -7.60
C GLY C 101 -2.02 -2.10 -8.61
N THR C 102 -1.67 -1.37 -9.66
CA THR C 102 -0.80 -1.90 -10.71
C THR C 102 -0.13 -0.74 -11.42
N LYS C 103 1.20 -0.69 -11.34
CA LYS C 103 1.99 0.32 -12.04
C LYS C 103 2.30 -0.21 -13.44
N LEU C 104 1.63 0.34 -14.44
CA LEU C 104 1.85 -0.08 -15.82
C LEU C 104 3.05 0.67 -16.39
N THR C 105 4.08 -0.08 -16.79
CA THR C 105 5.29 0.49 -17.37
C THR C 105 5.30 0.19 -18.86
N VAL C 106 5.36 1.23 -19.68
CA VAL C 106 5.37 1.10 -21.12
C VAL C 106 6.82 1.17 -21.58
N LEU C 107 7.36 0.04 -22.03
CA LEU C 107 8.74 -0.05 -22.45
C LEU C 107 8.89 0.37 -23.91
N GLY C 108 10.13 0.69 -24.28
CA GLY C 108 10.43 1.09 -25.63
C GLY C 108 10.29 2.56 -25.92
N GLN C 109 10.11 3.39 -24.91
CA GLN C 109 10.01 4.83 -25.14
C GLN C 109 11.38 5.39 -25.51
N PRO C 110 11.43 6.34 -26.45
CA PRO C 110 12.73 6.87 -26.88
C PRO C 110 13.42 7.66 -25.77
N LYS C 111 14.75 7.57 -25.77
CA LYS C 111 15.54 8.30 -24.79
C LYS C 111 15.43 9.80 -25.04
N ALA C 112 15.46 10.56 -23.95
CA ALA C 112 15.34 12.02 -24.01
C ALA C 112 16.43 12.64 -23.15
N ALA C 113 16.95 13.78 -23.60
CA ALA C 113 18.00 14.49 -22.89
C ALA C 113 17.41 15.60 -22.04
N PRO C 114 17.91 15.76 -20.82
CA PRO C 114 17.33 16.77 -19.91
C PRO C 114 17.63 18.18 -20.38
N SER C 115 16.79 19.11 -19.92
CA SER C 115 16.97 20.54 -20.15
C SER C 115 17.27 21.18 -18.80
N VAL C 116 18.53 21.47 -18.55
CA VAL C 116 18.98 21.96 -17.25
C VAL C 116 18.96 23.49 -17.29
N THR C 117 18.21 24.08 -16.36
CA THR C 117 18.14 25.53 -16.20
C THR C 117 18.51 25.87 -14.77
N LEU C 118 19.63 26.57 -14.60
CA LEU C 118 20.14 26.92 -13.29
C LEU C 118 19.85 28.40 -13.00
N PHE C 119 19.20 28.65 -11.87
CA PHE C 119 18.85 30.00 -11.47
C PHE C 119 19.73 30.44 -10.31
N PRO C 120 20.15 31.71 -10.28
CA PRO C 120 20.94 32.20 -9.16
C PRO C 120 20.05 32.72 -8.05
N PRO C 121 20.58 32.92 -6.86
CA PRO C 121 19.76 33.46 -5.77
C PRO C 121 19.18 34.81 -6.14
N SER C 122 17.90 34.99 -5.81
CA SER C 122 17.23 36.25 -6.13
C SER C 122 17.77 37.38 -5.26
N SER C 123 17.71 38.60 -5.78
CA SER C 123 18.12 39.75 -5.00
C SER C 123 17.21 39.95 -3.79
N GLU C 124 15.92 39.63 -3.94
CA GLU C 124 14.99 39.74 -2.82
C GLU C 124 15.38 38.81 -1.69
N GLU C 125 15.65 37.54 -2.00
CA GLU C 125 16.02 36.60 -0.95
C GLU C 125 17.39 36.91 -0.37
N LEU C 126 18.27 37.53 -1.16
CA LEU C 126 19.54 37.98 -0.61
C LEU C 126 19.34 39.08 0.43
N GLN C 127 18.25 39.84 0.31
CA GLN C 127 17.88 40.79 1.35
C GLN C 127 17.22 40.11 2.52
N ALA C 128 16.73 38.88 2.34
CA ALA C 128 16.23 38.06 3.44
C ALA C 128 17.34 37.27 4.11
N ASN C 129 18.60 37.52 3.74
CA ASN C 129 19.78 36.93 4.35
C ASN C 129 19.88 35.42 4.12
N LYS C 130 19.19 34.90 3.11
CA LYS C 130 19.30 33.48 2.75
C LYS C 130 19.37 33.37 1.23
N ALA C 131 20.33 32.61 0.73
CA ALA C 131 20.57 32.48 -0.71
C ALA C 131 20.46 31.02 -1.11
N THR C 132 19.58 30.73 -2.07
CA THR C 132 19.36 29.38 -2.57
C THR C 132 19.44 29.38 -4.10
N LEU C 133 20.16 28.39 -4.64
CA LEU C 133 20.21 28.18 -6.08
C LEU C 133 19.24 27.08 -6.48
N VAL C 134 18.59 27.27 -7.63
CA VAL C 134 17.52 26.38 -8.09
C VAL C 134 17.95 25.81 -9.43
N CYS C 135 18.17 24.49 -9.46
CA CYS C 135 18.49 23.77 -10.68
C CYS C 135 17.27 22.96 -11.10
N LEU C 136 16.72 23.28 -12.27
CA LEU C 136 15.47 22.71 -12.74
C LEU C 136 15.75 21.77 -13.91
N ILE C 137 15.62 20.47 -13.68
CA ILE C 137 15.82 19.45 -14.69
C ILE C 137 14.45 18.99 -15.19
N SER C 138 14.29 18.90 -16.51
CA SER C 138 13.00 18.53 -17.07
C SER C 138 13.21 17.95 -18.46
N ASP C 139 12.16 17.30 -18.97
CA ASP C 139 12.11 16.80 -20.35
C ASP C 139 13.18 15.74 -20.62
N PHE C 140 13.34 14.81 -19.68
CA PHE C 140 14.29 13.71 -19.83
C PHE C 140 13.58 12.38 -19.64
N TYR C 141 14.20 11.33 -20.19
CA TYR C 141 13.74 9.96 -20.04
C TYR C 141 14.90 9.04 -20.41
N PRO C 142 15.12 7.95 -19.67
CA PRO C 142 14.39 7.48 -18.48
C PRO C 142 14.53 8.39 -17.27
N GLY C 143 13.62 8.25 -16.30
CA GLY C 143 13.58 9.12 -15.16
C GLY C 143 14.60 8.78 -14.08
N ALA C 144 15.88 8.82 -14.44
CA ALA C 144 16.96 8.60 -13.48
C ALA C 144 18.07 9.58 -13.80
N VAL C 145 18.41 10.44 -12.83
CA VAL C 145 19.43 11.47 -13.00
C VAL C 145 20.37 11.45 -11.81
N THR C 146 21.50 12.13 -11.96
CA THR C 146 22.48 12.30 -10.90
C THR C 146 22.95 13.75 -10.91
N VAL C 147 22.78 14.45 -9.80
CA VAL C 147 23.10 15.86 -9.70
C VAL C 147 24.34 16.03 -8.84
N ALA C 148 25.24 16.92 -9.27
CA ALA C 148 26.44 17.25 -8.52
C ALA C 148 26.63 18.76 -8.52
N TRP C 149 26.78 19.32 -7.33
CA TRP C 149 26.97 20.76 -7.16
C TRP C 149 28.43 21.08 -6.92
N LYS C 150 28.88 22.23 -7.44
CA LYS C 150 30.26 22.66 -7.34
C LYS C 150 30.33 24.13 -6.93
N ALA C 151 31.08 24.42 -5.88
CA ALA C 151 31.45 25.78 -5.54
C ALA C 151 32.79 26.08 -6.19
N ASP C 152 32.81 27.09 -7.07
CA ASP C 152 33.95 27.34 -7.93
C ASP C 152 34.26 26.08 -8.73
N SER C 153 35.32 25.37 -8.36
CA SER C 153 35.67 24.11 -9.00
C SER C 153 35.60 22.92 -8.07
N SER C 154 35.25 23.12 -6.80
CA SER C 154 35.21 22.02 -5.85
C SER C 154 33.79 21.55 -5.62
N PRO C 155 33.57 20.23 -5.49
CA PRO C 155 32.20 19.73 -5.33
C PRO C 155 31.62 20.12 -3.98
N VAL C 156 30.31 20.36 -3.97
CA VAL C 156 29.56 20.71 -2.77
C VAL C 156 28.69 19.52 -2.38
N LYS C 157 28.71 19.17 -1.09
CA LYS C 157 27.92 18.06 -0.57
C LYS C 157 26.75 18.50 0.28
N ALA C 158 26.94 19.50 1.14
CA ALA C 158 25.92 19.92 2.10
C ALA C 158 25.12 21.08 1.55
N GLY C 159 23.90 21.22 2.09
CA GLY C 159 22.99 22.25 1.65
C GLY C 159 22.19 21.89 0.42
N VAL C 160 22.31 20.64 -0.05
CA VAL C 160 21.67 20.18 -1.27
C VAL C 160 20.42 19.40 -0.92
N GLU C 161 19.34 19.62 -1.67
CA GLU C 161 18.11 18.86 -1.51
C GLU C 161 17.58 18.58 -2.92
N THR C 162 17.76 17.35 -3.40
CA THR C 162 17.36 16.95 -4.73
C THR C 162 16.12 16.08 -4.64
N THR C 163 15.14 16.36 -5.49
CA THR C 163 13.88 15.63 -5.49
C THR C 163 13.95 14.47 -6.48
N THR C 164 13.31 13.36 -6.10
CA THR C 164 13.23 12.21 -7.00
C THR C 164 12.33 12.56 -8.19
N PRO C 165 12.74 12.26 -9.42
CA PRO C 165 11.96 12.68 -10.59
C PRO C 165 10.55 12.14 -10.57
N SER C 166 9.68 12.83 -11.31
CA SER C 166 8.27 12.48 -11.40
C SER C 166 7.75 12.89 -12.78
N LYS C 167 6.62 12.31 -13.15
CA LYS C 167 6.06 12.52 -14.49
C LYS C 167 5.58 13.95 -14.66
N GLN C 168 5.87 14.53 -15.83
CA GLN C 168 5.40 15.86 -16.17
C GLN C 168 4.04 15.79 -16.85
N SER C 169 3.59 16.91 -17.42
CA SER C 169 2.41 16.95 -18.26
C SER C 169 2.69 16.45 -19.67
N ASN C 170 3.97 16.30 -20.03
CA ASN C 170 4.39 15.85 -21.35
C ASN C 170 4.85 14.40 -21.34
N ASN C 171 4.48 13.63 -20.31
CA ASN C 171 4.80 12.22 -20.15
C ASN C 171 6.29 11.96 -19.98
N LYS C 172 7.09 13.00 -19.80
CA LYS C 172 8.49 12.87 -19.45
C LYS C 172 8.67 13.09 -17.95
N TYR C 173 9.91 13.01 -17.48
CA TYR C 173 10.22 13.15 -16.07
C TYR C 173 10.92 14.49 -15.81
N ALA C 174 10.75 14.99 -14.59
CA ALA C 174 11.36 16.26 -14.18
C ALA C 174 11.77 16.17 -12.72
N ALA C 175 12.82 16.90 -12.38
CA ALA C 175 13.34 16.90 -11.02
C ALA C 175 13.91 18.27 -10.70
N SER C 176 13.99 18.57 -9.40
CA SER C 176 14.55 19.81 -8.89
C SER C 176 15.67 19.51 -7.90
N SER C 177 16.66 20.40 -7.86
CA SER C 177 17.75 20.32 -6.90
C SER C 177 18.04 21.73 -6.39
N TYR C 178 18.12 21.88 -5.07
CA TYR C 178 18.28 23.16 -4.42
C TYR C 178 19.56 23.17 -3.61
N LEU C 179 20.39 24.19 -3.82
CA LEU C 179 21.61 24.40 -3.05
C LEU C 179 21.42 25.63 -2.17
N SER C 180 21.28 25.40 -0.86
CA SER C 180 21.06 26.49 0.09
C SER C 180 22.40 26.95 0.65
N LEU C 181 22.69 28.24 0.48
CA LEU C 181 23.92 28.83 0.97
C LEU C 181 23.62 30.07 1.80
N THR C 182 24.65 30.60 2.42
CA THR C 182 24.53 31.92 2.99
C THR C 182 24.92 32.97 1.96
N PRO C 183 24.41 34.19 2.08
CA PRO C 183 24.84 35.26 1.15
C PRO C 183 26.35 35.47 1.15
N GLU C 184 27.02 35.22 2.27
CA GLU C 184 28.47 35.34 2.31
C GLU C 184 29.15 34.28 1.47
N GLN C 185 28.68 33.03 1.56
CA GLN C 185 29.25 31.97 0.74
C GLN C 185 29.00 32.20 -0.74
N TRP C 186 27.83 32.75 -1.08
CA TRP C 186 27.48 32.98 -2.48
C TRP C 186 28.40 34.02 -3.11
N LYS C 187 28.56 35.17 -2.46
CA LYS C 187 29.37 36.25 -3.04
C LYS C 187 30.86 35.94 -3.00
N SER C 188 31.30 35.01 -2.15
CA SER C 188 32.72 34.76 -1.96
C SER C 188 33.32 33.88 -3.05
N HIS C 189 32.49 33.14 -3.80
CA HIS C 189 32.98 32.25 -4.84
C HIS C 189 32.82 32.89 -6.21
N ARG C 190 33.68 32.47 -7.15
CA ARG C 190 33.63 33.03 -8.49
C ARG C 190 32.42 32.52 -9.27
N SER C 191 32.05 31.26 -9.08
CA SER C 191 30.93 30.69 -9.81
C SER C 191 30.40 29.48 -9.08
N TYR C 192 29.20 29.05 -9.48
CA TYR C 192 28.57 27.85 -8.97
C TYR C 192 28.00 27.06 -10.15
N SER C 193 28.14 25.74 -10.10
CA SER C 193 27.77 24.89 -11.22
C SER C 193 26.83 23.78 -10.76
N CYS C 194 25.82 23.48 -11.59
CA CYS C 194 24.92 22.36 -11.38
C CYS C 194 25.18 21.34 -12.46
N GLN C 195 25.75 20.21 -12.08
CA GLN C 195 26.11 19.14 -13.01
C GLN C 195 25.08 18.02 -12.90
N VAL C 196 24.44 17.72 -14.03
CA VAL C 196 23.38 16.72 -14.08
C VAL C 196 23.82 15.63 -15.06
N THR C 197 23.87 14.39 -14.57
CA THR C 197 24.26 13.24 -15.37
C THR C 197 23.04 12.41 -15.70
N HIS C 198 22.81 12.17 -16.99
CA HIS C 198 21.73 11.33 -17.48
C HIS C 198 22.33 10.25 -18.36
N GLU C 199 22.14 8.99 -17.97
CA GLU C 199 22.80 7.84 -18.59
C GLU C 199 24.30 8.08 -18.49
N GLY C 200 25.04 8.19 -19.59
CA GLY C 200 26.45 8.51 -19.53
C GLY C 200 26.69 9.97 -19.85
N SER C 201 25.79 10.57 -20.62
CA SER C 201 25.94 11.96 -21.02
C SER C 201 25.73 12.88 -19.83
N THR C 202 26.64 13.82 -19.65
CA THR C 202 26.61 14.78 -18.54
C THR C 202 26.34 16.17 -19.09
N VAL C 203 25.40 16.88 -18.46
CA VAL C 203 25.08 18.26 -18.80
C VAL C 203 25.26 19.10 -17.55
N GLU C 204 25.84 20.29 -17.73
CA GLU C 204 26.22 21.15 -16.61
C GLU C 204 25.94 22.60 -16.96
N LYS C 205 25.40 23.34 -15.99
CA LYS C 205 25.13 24.77 -16.13
C LYS C 205 25.85 25.53 -15.03
N THR C 206 26.36 26.72 -15.36
CA THR C 206 27.17 27.49 -14.44
C THR C 206 26.63 28.91 -14.35
N VAL C 207 26.59 29.45 -13.13
CA VAL C 207 26.18 30.82 -12.87
C VAL C 207 27.23 31.47 -11.96
N ALA C 208 27.27 32.80 -12.00
CA ALA C 208 28.24 33.56 -11.24
C ALA C 208 27.55 34.65 -10.44
N PRO C 209 28.11 35.02 -9.28
CA PRO C 209 27.49 36.08 -8.47
C PRO C 209 27.47 37.43 -9.15
N THR C 210 28.30 37.65 -10.16
CA THR C 210 28.35 38.94 -10.83
C THR C 210 27.17 39.09 -11.79
N GLN D 1 21.94 -21.68 15.45
CA GLN D 1 21.68 -20.27 15.15
C GLN D 1 20.31 -19.84 15.64
N VAL D 2 20.03 -18.56 15.52
CA VAL D 2 18.73 -18.00 15.91
C VAL D 2 17.77 -18.12 14.73
N GLN D 3 16.55 -18.55 15.02
CA GLN D 3 15.58 -18.79 13.96
C GLN D 3 14.18 -18.49 14.47
N LEU D 4 13.36 -17.89 13.60
CA LEU D 4 11.94 -17.67 13.86
C LEU D 4 11.16 -18.41 12.79
N VAL D 5 10.49 -19.49 13.19
CA VAL D 5 9.77 -20.35 12.25
C VAL D 5 8.28 -20.29 12.59
N GLN D 6 7.47 -20.03 11.57
CA GLN D 6 6.03 -19.88 11.72
C GLN D 6 5.33 -21.17 11.29
N SER D 7 4.00 -21.16 11.37
CA SER D 7 3.19 -22.29 10.94
C SER D 7 3.03 -22.27 9.43
N GLY D 8 2.25 -23.22 8.91
CA GLY D 8 2.00 -23.31 7.49
C GLY D 8 0.87 -22.40 7.04
N ALA D 9 0.75 -22.28 5.72
CA ALA D 9 -0.30 -21.47 5.13
C ALA D 9 -1.67 -22.07 5.44
N GLU D 10 -2.68 -21.19 5.53
CA GLU D 10 -4.03 -21.62 5.88
C GLU D 10 -5.03 -20.89 5.00
N VAL D 11 -6.21 -21.49 4.88
CA VAL D 11 -7.33 -20.91 4.15
C VAL D 11 -8.54 -20.90 5.07
N ARG D 12 -9.25 -19.77 5.12
CA ARG D 12 -10.38 -19.59 6.01
C ARG D 12 -11.56 -18.99 5.26
N LYS D 13 -12.77 -19.24 5.80
CA LYS D 13 -14.03 -18.70 5.29
C LYS D 13 -14.31 -17.35 5.95
N PRO D 14 -15.05 -16.47 5.28
CA PRO D 14 -15.37 -15.16 5.86
C PRO D 14 -16.12 -15.29 7.18
N GLY D 15 -15.54 -14.76 8.25
CA GLY D 15 -16.12 -14.80 9.57
C GLY D 15 -15.40 -15.73 10.54
N ALA D 16 -14.61 -16.67 10.03
CA ALA D 16 -13.91 -17.61 10.89
C ALA D 16 -12.72 -16.94 11.56
N SER D 17 -11.97 -17.73 12.34
CA SER D 17 -10.78 -17.25 13.02
C SER D 17 -9.55 -17.98 12.50
N VAL D 18 -8.39 -17.34 12.64
CA VAL D 18 -7.12 -17.90 12.24
C VAL D 18 -6.11 -17.65 13.35
N LYS D 19 -5.32 -18.67 13.67
CA LYS D 19 -4.33 -18.61 14.73
C LYS D 19 -2.98 -19.04 14.17
N VAL D 20 -2.06 -18.09 14.05
CA VAL D 20 -0.73 -18.35 13.47
C VAL D 20 0.29 -18.38 14.60
N SER D 21 1.21 -19.34 14.53
CA SER D 21 2.23 -19.53 15.56
C SER D 21 3.59 -19.09 15.05
N CYS D 22 4.51 -18.90 15.99
CA CYS D 22 5.87 -18.47 15.68
C CYS D 22 6.80 -19.06 16.73
N LYS D 23 7.69 -19.96 16.32
CA LYS D 23 8.59 -20.63 17.24
C LYS D 23 9.95 -19.94 17.22
N ALA D 24 10.54 -19.78 18.40
CA ALA D 24 11.81 -19.08 18.57
C ALA D 24 12.88 -20.05 19.09
N SER D 25 14.09 -19.89 18.58
CA SER D 25 15.21 -20.72 19.00
C SER D 25 16.50 -19.93 18.88
N GLY D 26 17.51 -20.36 19.62
CA GLY D 26 18.82 -19.77 19.55
C GLY D 26 19.02 -18.52 20.39
N TYR D 27 18.04 -18.15 21.21
CA TYR D 27 18.18 -16.96 22.05
C TYR D 27 17.21 -17.08 23.23
N SER D 28 17.46 -16.26 24.25
CA SER D 28 16.59 -16.22 25.42
C SER D 28 15.25 -15.60 25.04
N PHE D 29 14.18 -16.41 25.16
CA PHE D 29 12.87 -15.98 24.67
C PHE D 29 12.42 -14.69 25.33
N THR D 30 12.61 -14.58 26.65
CA THR D 30 12.13 -13.41 27.39
C THR D 30 12.95 -12.15 27.11
N SER D 31 14.07 -12.26 26.38
CA SER D 31 14.93 -11.10 26.17
C SER D 31 14.35 -10.14 25.15
N TYR D 32 13.74 -10.66 24.08
CA TYR D 32 13.25 -9.83 22.99
C TYR D 32 11.72 -9.88 22.92
N ILE D 33 11.16 -8.81 22.39
CA ILE D 33 9.71 -8.70 22.17
C ILE D 33 9.42 -9.22 20.76
N LEU D 34 8.35 -10.01 20.63
CA LEU D 34 7.98 -10.60 19.35
C LEU D 34 6.78 -9.85 18.77
N ASN D 35 6.96 -9.29 17.58
CA ASN D 35 5.93 -8.52 16.91
C ASN D 35 5.21 -9.38 15.88
N TRP D 36 4.16 -8.81 15.29
CA TRP D 36 3.41 -9.46 14.22
C TRP D 36 3.15 -8.43 13.12
N VAL D 37 3.65 -8.72 11.93
CA VAL D 37 3.54 -7.81 10.78
C VAL D 37 2.84 -8.54 9.65
N ARG D 38 1.90 -7.86 9.00
CA ARG D 38 1.19 -8.39 7.86
C ARG D 38 1.48 -7.55 6.62
N GLN D 39 1.15 -8.10 5.45
CA GLN D 39 1.44 -7.45 4.18
C GLN D 39 0.51 -8.01 3.13
N ALA D 40 -0.39 -7.16 2.61
CA ALA D 40 -1.27 -7.57 1.54
C ALA D 40 -0.47 -7.89 0.27
N THR D 41 -1.12 -8.63 -0.64
CA THR D 41 -0.49 -9.03 -1.89
C THR D 41 -0.09 -7.81 -2.72
N GLY D 42 -0.91 -6.76 -2.70
CA GLY D 42 -0.66 -5.61 -3.54
C GLY D 42 0.51 -4.73 -3.13
N GLN D 43 0.51 -4.22 -1.91
CA GLN D 43 1.50 -3.20 -1.54
C GLN D 43 1.53 -3.06 -0.02
N GLY D 44 2.45 -2.23 0.46
CA GLY D 44 2.55 -1.87 1.86
C GLY D 44 3.12 -2.94 2.77
N LEU D 45 3.14 -2.58 4.05
CA LEU D 45 3.63 -3.43 5.14
C LEU D 45 3.01 -2.86 6.41
N GLU D 46 2.48 -3.73 7.27
CA GLU D 46 1.65 -3.25 8.37
C GLU D 46 1.98 -3.98 9.67
N TRP D 47 2.38 -3.22 10.68
CA TRP D 47 2.62 -3.75 12.01
C TRP D 47 1.28 -3.89 12.73
N MET D 48 1.10 -5.00 13.45
CA MET D 48 -0.17 -5.31 14.09
C MET D 48 -0.13 -5.38 15.60
N GLY D 49 0.99 -5.76 16.19
CA GLY D 49 1.06 -5.88 17.64
C GLY D 49 2.32 -6.60 18.05
N TRP D 50 2.51 -6.67 19.37
CA TRP D 50 3.66 -7.37 19.91
C TRP D 50 3.27 -8.06 21.21
N MET D 51 4.15 -8.94 21.68
CA MET D 51 4.02 -9.60 22.97
C MET D 51 5.38 -9.55 23.67
N ASN D 52 5.38 -9.06 24.91
CA ASN D 52 6.60 -9.04 25.70
C ASN D 52 6.60 -10.27 26.60
N PRO D 53 7.35 -11.32 26.27
CA PRO D 53 7.35 -12.52 27.12
C PRO D 53 7.97 -12.31 28.49
N ASP D 54 8.67 -11.19 28.70
CA ASP D 54 9.23 -10.91 30.01
C ASP D 54 8.19 -10.39 30.98
N SER D 55 7.20 -9.64 30.49
CA SER D 55 6.18 -9.05 31.35
C SER D 55 4.77 -9.55 31.05
N ASN D 56 4.58 -10.36 30.01
CA ASN D 56 3.26 -10.84 29.58
C ASN D 56 2.33 -9.67 29.26
N ASN D 57 2.89 -8.56 28.79
CA ASN D 57 2.12 -7.38 28.41
C ASN D 57 2.06 -7.28 26.89
N THR D 58 0.89 -6.93 26.37
CA THR D 58 0.66 -6.87 24.93
C THR D 58 0.30 -5.45 24.51
N GLU D 59 0.72 -5.10 23.30
CA GLU D 59 0.36 -3.85 22.64
C GLU D 59 -0.15 -4.18 21.26
N TYR D 60 -1.31 -3.62 20.89
CA TYR D 60 -1.97 -3.92 19.64
C TYR D 60 -2.05 -2.67 18.77
N ALA D 61 -2.27 -2.89 17.47
CA ALA D 61 -2.46 -1.78 16.56
C ALA D 61 -3.86 -1.21 16.74
N GLN D 62 -3.96 0.11 16.62
CA GLN D 62 -5.23 0.78 16.92
C GLN D 62 -6.34 0.32 15.98
N LYS D 63 -6.04 0.12 14.70
CA LYS D 63 -7.07 -0.27 13.76
C LYS D 63 -7.49 -1.73 13.92
N PHE D 64 -6.65 -2.57 14.53
CA PHE D 64 -6.98 -3.97 14.78
C PHE D 64 -7.50 -4.20 16.19
N GLN D 65 -8.20 -3.22 16.77
CA GLN D 65 -8.56 -3.31 18.18
C GLN D 65 -9.60 -4.40 18.41
N GLY D 66 -9.34 -5.23 19.42
CA GLY D 66 -10.20 -6.32 19.83
C GLY D 66 -10.36 -7.45 18.83
N ARG D 67 -9.74 -7.37 17.66
CA ARG D 67 -9.72 -8.48 16.73
C ARG D 67 -8.45 -9.33 16.84
N VAL D 68 -7.35 -8.71 17.25
CA VAL D 68 -6.06 -9.39 17.40
C VAL D 68 -5.89 -9.82 18.85
N THR D 69 -5.55 -11.09 19.05
CA THR D 69 -5.25 -11.63 20.37
C THR D 69 -3.90 -12.33 20.30
N ILE D 70 -2.92 -11.80 21.00
CA ILE D 70 -1.56 -12.33 20.98
C ILE D 70 -1.30 -13.02 22.32
N THR D 71 -1.08 -14.33 22.28
CA THR D 71 -0.82 -15.14 23.45
C THR D 71 0.56 -15.77 23.35
N ARG D 72 1.24 -15.88 24.49
CA ARG D 72 2.60 -16.39 24.53
C ARG D 72 2.63 -17.84 25.03
N ASP D 73 3.80 -18.45 24.91
CA ASP D 73 4.05 -19.78 25.46
C ASP D 73 5.56 -19.97 25.60
N THR D 74 6.13 -19.45 26.69
CA THR D 74 7.57 -19.54 26.89
C THR D 74 8.05 -20.99 26.98
N SER D 75 7.15 -21.92 27.27
CA SER D 75 7.51 -23.34 27.28
C SER D 75 7.98 -23.79 25.90
N ILE D 76 7.19 -23.49 24.88
CA ILE D 76 7.53 -23.84 23.50
C ILE D 76 8.20 -22.69 22.76
N SER D 77 8.46 -21.57 23.44
CA SER D 77 9.03 -20.37 22.82
C SER D 77 8.18 -19.95 21.62
N THR D 78 6.86 -19.95 21.81
CA THR D 78 5.92 -19.74 20.73
C THR D 78 4.92 -18.66 21.12
N VAL D 79 4.71 -17.70 20.20
CA VAL D 79 3.67 -16.70 20.33
C VAL D 79 2.60 -17.01 19.29
N TYR D 80 1.35 -16.74 19.64
CA TYR D 80 0.21 -17.00 18.77
C TYR D 80 -0.51 -15.70 18.47
N MET D 81 -0.85 -15.51 17.20
CA MET D 81 -1.61 -14.34 16.75
C MET D 81 -2.96 -14.85 16.24
N GLU D 82 -4.02 -14.48 16.94
CA GLU D 82 -5.38 -14.89 16.59
C GLU D 82 -6.14 -13.70 16.00
N LEU D 83 -6.68 -13.89 14.81
CA LEU D 83 -7.49 -12.87 14.14
C LEU D 83 -8.91 -13.40 13.97
N SER D 84 -9.88 -12.62 14.41
CA SER D 84 -11.28 -13.00 14.37
C SER D 84 -12.03 -12.10 13.39
N GLY D 85 -13.24 -12.53 13.02
CA GLY D 85 -14.04 -11.81 12.05
C GLY D 85 -13.31 -11.55 10.76
N LEU D 86 -12.78 -12.62 10.16
CA LEU D 86 -11.93 -12.47 8.98
C LEU D 86 -12.71 -11.90 7.81
N ARG D 87 -12.06 -11.02 7.06
CA ARG D 87 -12.62 -10.39 5.87
C ARG D 87 -11.66 -10.58 4.71
N SER D 88 -12.04 -10.05 3.54
CA SER D 88 -11.17 -10.15 2.37
C SER D 88 -9.90 -9.31 2.55
N GLU D 89 -9.99 -8.21 3.28
CA GLU D 89 -8.81 -7.38 3.53
C GLU D 89 -7.74 -8.13 4.28
N ASP D 90 -8.12 -9.13 5.09
CA ASP D 90 -7.17 -9.86 5.90
C ASP D 90 -6.38 -10.90 5.11
N THR D 91 -6.72 -11.10 3.84
CA THR D 91 -5.98 -12.05 3.00
C THR D 91 -4.61 -11.46 2.72
N ALA D 92 -3.60 -11.95 3.44
CA ALA D 92 -2.25 -11.40 3.35
C ALA D 92 -1.26 -12.40 3.93
N VAL D 93 0.01 -12.04 3.89
CA VAL D 93 1.09 -12.82 4.50
C VAL D 93 1.41 -12.21 5.86
N TYR D 94 1.56 -13.07 6.85
CA TYR D 94 1.77 -12.63 8.24
C TYR D 94 3.17 -13.02 8.68
N TYR D 95 3.88 -12.07 9.30
CA TYR D 95 5.25 -12.27 9.73
C TYR D 95 5.37 -12.04 11.23
N CYS D 96 6.30 -12.75 11.85
CA CYS D 96 6.72 -12.49 13.21
C CYS D 96 8.18 -12.06 13.22
N ALA D 97 8.48 -10.99 13.95
CA ALA D 97 9.83 -10.46 14.03
C ALA D 97 10.09 -10.01 15.46
N ARG D 98 11.35 -10.14 15.88
CA ARG D 98 11.76 -9.77 17.22
C ARG D 98 12.49 -8.43 17.21
N HIS D 99 12.47 -7.77 18.37
CA HIS D 99 13.16 -6.50 18.53
C HIS D 99 13.44 -6.29 20.01
N SER D 100 14.49 -5.52 20.31
CA SER D 100 14.88 -5.21 21.67
C SER D 100 15.02 -3.71 21.81
N PHE D 101 14.27 -3.12 22.73
CA PHE D 101 14.44 -1.71 23.07
C PHE D 101 15.65 -1.47 23.96
N LYS D 102 16.23 -2.51 24.55
CA LYS D 102 17.43 -2.36 25.34
C LYS D 102 18.69 -2.36 24.47
N SER D 103 18.67 -3.09 23.36
CA SER D 103 19.80 -3.12 22.44
C SER D 103 19.57 -2.29 21.19
N ASN D 104 18.33 -1.86 20.95
CA ASN D 104 17.97 -1.04 19.79
C ASN D 104 18.44 -1.68 18.49
N THR D 105 17.87 -2.87 18.22
CA THR D 105 18.25 -3.65 17.06
C THR D 105 17.22 -3.62 15.94
N GLY D 106 15.98 -3.20 16.22
CA GLY D 106 14.97 -3.28 15.20
C GLY D 106 14.55 -4.72 14.96
N PHE D 107 13.88 -4.94 13.83
CA PHE D 107 13.44 -6.28 13.44
C PHE D 107 14.60 -6.97 12.73
N ASP D 108 15.55 -7.46 13.55
CA ASP D 108 16.77 -8.03 12.98
C ASP D 108 16.53 -9.41 12.36
N TYR D 109 15.60 -10.19 12.92
CA TYR D 109 15.29 -11.52 12.41
C TYR D 109 13.79 -11.66 12.24
N TRP D 110 13.37 -12.13 11.08
CA TRP D 110 11.98 -12.29 10.71
C TRP D 110 11.64 -13.76 10.55
N GLY D 111 10.33 -14.04 10.49
CA GLY D 111 9.87 -15.38 10.17
C GLY D 111 9.84 -15.61 8.67
N GLN D 112 9.45 -16.83 8.29
CA GLN D 112 9.36 -17.16 6.88
C GLN D 112 8.08 -16.61 6.24
N GLY D 113 7.11 -16.22 7.04
CA GLY D 113 5.84 -15.73 6.52
C GLY D 113 4.78 -16.80 6.43
N THR D 114 3.54 -16.43 6.74
CA THR D 114 2.40 -17.36 6.71
C THR D 114 1.29 -16.71 5.88
N GLN D 115 1.00 -17.29 4.71
CA GLN D 115 0.02 -16.73 3.80
C GLN D 115 -1.37 -17.23 4.21
N VAL D 116 -2.21 -16.31 4.68
CA VAL D 116 -3.57 -16.61 5.09
C VAL D 116 -4.52 -16.11 4.00
N THR D 117 -5.33 -17.01 3.47
CA THR D 117 -6.29 -16.68 2.42
C THR D 117 -7.70 -16.77 2.99
N VAL D 118 -8.50 -15.74 2.73
CA VAL D 118 -9.89 -15.67 3.20
C VAL D 118 -10.78 -15.78 1.97
N SER D 119 -11.33 -16.97 1.74
CA SER D 119 -12.20 -17.21 0.59
C SER D 119 -13.33 -18.14 1.00
N SER D 120 -14.45 -18.03 0.28
CA SER D 120 -15.60 -18.89 0.55
C SER D 120 -15.37 -20.32 0.06
N ALA D 121 -14.31 -20.57 -0.69
CA ALA D 121 -13.97 -21.91 -1.13
C ALA D 121 -13.04 -22.58 -0.12
N SER D 122 -12.94 -23.90 -0.24
CA SER D 122 -12.09 -24.69 0.64
C SER D 122 -10.81 -25.10 -0.09
N THR D 123 -9.85 -25.58 0.69
CA THR D 123 -8.57 -25.98 0.12
C THR D 123 -8.75 -27.19 -0.80
N LYS D 124 -7.87 -27.29 -1.79
CA LYS D 124 -7.93 -28.37 -2.77
C LYS D 124 -6.52 -28.82 -3.11
N GLY D 125 -6.30 -30.13 -3.04
CA GLY D 125 -5.01 -30.70 -3.37
C GLY D 125 -4.74 -30.64 -4.86
N PRO D 126 -3.46 -30.62 -5.24
CA PRO D 126 -3.10 -30.56 -6.65
C PRO D 126 -3.01 -31.94 -7.29
N SER D 127 -3.07 -31.93 -8.62
CA SER D 127 -2.87 -33.12 -9.45
C SER D 127 -1.57 -32.95 -10.21
N VAL D 128 -0.62 -33.85 -9.97
CA VAL D 128 0.73 -33.74 -10.51
C VAL D 128 0.85 -34.66 -11.72
N PHE D 129 1.37 -34.11 -12.82
CA PHE D 129 1.58 -34.85 -14.05
C PHE D 129 3.02 -34.69 -14.52
N PRO D 130 3.62 -35.74 -15.07
CA PRO D 130 5.04 -35.67 -15.47
C PRO D 130 5.20 -34.94 -16.81
N LEU D 131 6.15 -34.01 -16.84
CA LEU D 131 6.57 -33.37 -18.09
C LEU D 131 7.81 -34.14 -18.55
N ALA D 132 7.59 -35.16 -19.36
CA ALA D 132 8.66 -36.08 -19.71
C ALA D 132 9.70 -35.39 -20.60
N PRO D 133 10.97 -35.71 -20.44
CA PRO D 133 11.99 -35.16 -21.34
C PRO D 133 11.80 -35.64 -22.76
N SER D 134 12.13 -34.78 -23.71
CA SER D 134 11.98 -35.11 -25.13
C SER D 134 13.02 -34.39 -25.96
N SER D 135 12.70 -34.11 -27.22
CA SER D 135 13.60 -33.40 -28.12
C SER D 135 13.20 -31.94 -28.26
N GLY D 141 23.78 -29.83 -25.27
CA GLY D 141 23.72 -31.21 -24.82
C GLY D 141 22.91 -31.39 -23.56
N THR D 142 21.89 -30.55 -23.38
CA THR D 142 21.03 -30.59 -22.21
C THR D 142 19.62 -31.00 -22.62
N ALA D 143 18.82 -31.34 -21.62
CA ALA D 143 17.44 -31.74 -21.83
C ALA D 143 16.58 -31.19 -20.69
N ALA D 144 15.31 -30.93 -20.99
CA ALA D 144 14.40 -30.33 -20.04
C ALA D 144 13.33 -31.33 -19.64
N LEU D 145 13.05 -31.40 -18.33
CA LEU D 145 11.98 -32.23 -17.79
C LEU D 145 11.44 -31.54 -16.55
N GLY D 146 10.18 -31.79 -16.25
CA GLY D 146 9.58 -31.10 -15.12
C GLY D 146 8.28 -31.72 -14.66
N CYS D 147 7.55 -30.95 -13.86
CA CYS D 147 6.31 -31.38 -13.25
C CYS D 147 5.22 -30.36 -13.56
N LEU D 148 3.98 -30.83 -13.64
CA LEU D 148 2.82 -29.98 -13.85
C LEU D 148 1.91 -30.07 -12.63
N VAL D 149 2.10 -29.14 -11.70
CA VAL D 149 1.22 -29.02 -10.54
C VAL D 149 -0.05 -28.30 -10.99
N LYS D 150 -1.18 -29.02 -10.98
CA LYS D 150 -2.40 -28.57 -11.64
C LYS D 150 -3.55 -28.48 -10.65
N ASP D 151 -4.35 -27.41 -10.81
CA ASP D 151 -5.62 -27.19 -10.10
C ASP D 151 -5.48 -27.44 -8.60
N TYR D 152 -4.87 -26.46 -7.94
CA TYR D 152 -4.80 -26.46 -6.49
C TYR D 152 -5.29 -25.12 -5.96
N PHE D 153 -5.57 -25.10 -4.66
CA PHE D 153 -6.00 -23.89 -3.97
C PHE D 153 -5.85 -24.08 -2.47
N PRO D 154 -5.27 -23.10 -1.76
CA PRO D 154 -4.71 -21.91 -2.38
C PRO D 154 -3.18 -21.99 -2.48
N GLU D 155 -2.55 -20.84 -2.68
CA GLU D 155 -1.10 -20.77 -2.73
C GLU D 155 -0.52 -20.87 -1.31
N PRO D 156 0.74 -21.32 -1.17
CA PRO D 156 1.66 -21.70 -2.25
C PRO D 156 1.88 -23.20 -2.38
N VAL D 157 2.64 -23.59 -3.41
CA VAL D 157 3.11 -24.95 -3.60
C VAL D 157 4.62 -24.90 -3.81
N THR D 158 5.35 -25.62 -2.97
CA THR D 158 6.81 -25.66 -3.06
C THR D 158 7.22 -26.99 -3.67
N VAL D 159 8.10 -26.94 -4.67
CA VAL D 159 8.52 -28.12 -5.42
C VAL D 159 10.03 -28.25 -5.30
N SER D 160 10.49 -29.39 -4.80
CA SER D 160 11.90 -29.77 -4.80
C SER D 160 12.10 -30.97 -5.70
N TRP D 161 13.37 -31.30 -5.94
CA TRP D 161 13.73 -32.40 -6.81
C TRP D 161 14.74 -33.31 -6.13
N ASN D 162 14.48 -34.62 -6.17
CA ASN D 162 15.34 -35.63 -5.56
C ASN D 162 15.57 -35.35 -4.08
N SER D 163 14.47 -35.06 -3.37
CA SER D 163 14.48 -34.79 -1.93
C SER D 163 15.38 -33.61 -1.59
N GLY D 164 15.50 -32.65 -2.50
CA GLY D 164 16.33 -31.49 -2.28
C GLY D 164 17.79 -31.65 -2.65
N ALA D 165 18.19 -32.84 -3.10
CA ALA D 165 19.59 -33.07 -3.48
C ALA D 165 19.93 -32.49 -4.85
N LEU D 166 18.93 -32.07 -5.62
CA LEU D 166 19.13 -31.48 -6.93
C LEU D 166 18.61 -30.04 -6.87
N THR D 167 19.53 -29.07 -6.78
CA THR D 167 19.16 -27.67 -6.68
C THR D 167 19.57 -26.85 -7.90
N SER D 168 20.66 -27.22 -8.58
CA SER D 168 21.14 -26.48 -9.73
C SER D 168 20.41 -26.97 -10.98
N GLY D 169 19.81 -26.03 -11.71
CA GLY D 169 19.01 -26.34 -12.88
C GLY D 169 17.52 -26.30 -12.62
N VAL D 170 17.10 -26.37 -11.36
CA VAL D 170 15.68 -26.30 -11.02
C VAL D 170 15.18 -24.88 -11.24
N HIS D 171 13.97 -24.76 -11.78
CA HIS D 171 13.35 -23.45 -11.97
C HIS D 171 11.85 -23.61 -11.81
N THR D 172 11.36 -23.39 -10.58
CA THR D 172 9.94 -23.41 -10.30
C THR D 172 9.29 -22.12 -10.77
N PHE D 173 8.31 -22.24 -11.65
CA PHE D 173 7.68 -21.08 -12.27
C PHE D 173 6.54 -20.55 -11.42
N PRO D 174 6.20 -19.26 -11.58
CA PRO D 174 5.02 -18.73 -10.90
C PRO D 174 3.74 -19.36 -11.42
N ALA D 175 2.75 -19.46 -10.54
CA ALA D 175 1.51 -20.14 -10.85
C ALA D 175 0.59 -19.26 -11.68
N VAL D 176 -0.43 -19.90 -12.27
CA VAL D 176 -1.46 -19.22 -13.03
C VAL D 176 -2.81 -19.49 -12.38
N LEU D 177 -3.71 -18.52 -12.49
CA LEU D 177 -5.05 -18.62 -11.93
C LEU D 177 -6.06 -18.76 -13.06
N GLN D 178 -6.85 -19.82 -13.02
CA GLN D 178 -7.85 -20.08 -14.05
C GLN D 178 -9.16 -19.40 -13.69
N SER D 179 -10.07 -19.38 -14.67
CA SER D 179 -11.39 -18.78 -14.45
C SER D 179 -12.16 -19.49 -13.34
N SER D 180 -11.85 -20.77 -13.09
CA SER D 180 -12.51 -21.50 -12.01
C SER D 180 -12.05 -21.02 -10.64
N GLY D 181 -10.85 -20.46 -10.56
CA GLY D 181 -10.29 -20.02 -9.30
C GLY D 181 -9.24 -20.94 -8.71
N LEU D 182 -8.71 -21.88 -9.49
CA LEU D 182 -7.69 -22.82 -9.03
C LEU D 182 -6.35 -22.47 -9.65
N TYR D 183 -5.29 -22.69 -8.87
CA TYR D 183 -3.94 -22.37 -9.29
C TYR D 183 -3.25 -23.57 -9.93
N SER D 184 -2.38 -23.29 -10.89
CA SER D 184 -1.55 -24.30 -11.51
C SER D 184 -0.17 -23.71 -11.81
N LEU D 185 0.87 -24.51 -11.59
CA LEU D 185 2.24 -24.08 -11.84
C LEU D 185 3.03 -25.24 -12.40
N SER D 186 4.24 -24.94 -12.88
CA SER D 186 5.16 -25.93 -13.40
C SER D 186 6.56 -25.70 -12.83
N SER D 187 7.25 -26.79 -12.52
CA SER D 187 8.63 -26.76 -12.06
C SER D 187 9.46 -27.60 -13.01
N VAL D 188 10.48 -27.01 -13.61
CA VAL D 188 11.26 -27.66 -14.66
C VAL D 188 12.72 -27.68 -14.26
N VAL D 189 13.42 -28.73 -14.67
CA VAL D 189 14.85 -28.90 -14.40
C VAL D 189 15.57 -29.19 -15.71
N THR D 190 16.72 -28.54 -15.90
CA THR D 190 17.59 -28.81 -17.03
C THR D 190 18.74 -29.69 -16.57
N VAL D 191 18.99 -30.77 -17.31
CA VAL D 191 20.00 -31.75 -16.92
C VAL D 191 20.77 -32.19 -18.16
N PRO D 192 22.01 -32.65 -17.96
CA PRO D 192 22.77 -33.20 -19.09
C PRO D 192 22.01 -34.32 -19.78
N SER D 193 22.08 -34.34 -21.11
CA SER D 193 21.38 -35.37 -21.87
C SER D 193 21.93 -36.76 -21.58
N SER D 194 23.20 -36.85 -21.17
CA SER D 194 23.79 -38.15 -20.87
C SER D 194 23.19 -38.76 -19.60
N SER D 195 22.80 -37.94 -18.64
CA SER D 195 22.26 -38.45 -17.38
C SER D 195 20.91 -39.13 -17.56
N LEU D 196 20.19 -38.85 -18.64
CA LEU D 196 18.92 -39.51 -18.89
C LEU D 196 19.12 -41.02 -19.02
N GLY D 197 18.33 -41.78 -18.26
CA GLY D 197 18.46 -43.23 -18.18
C GLY D 197 19.35 -43.72 -17.07
N THR D 198 20.45 -43.02 -16.82
CA THR D 198 21.35 -43.36 -15.72
C THR D 198 20.91 -42.77 -14.40
N GLN D 199 20.30 -41.58 -14.43
CA GLN D 199 19.87 -40.87 -13.23
C GLN D 199 18.35 -40.78 -13.22
N THR D 200 17.74 -41.13 -12.09
CA THR D 200 16.30 -41.01 -11.92
C THR D 200 15.98 -39.68 -11.24
N TYR D 201 14.97 -38.99 -11.77
CA TYR D 201 14.58 -37.68 -11.27
C TYR D 201 13.20 -37.78 -10.64
N ILE D 202 13.15 -37.51 -9.33
CA ILE D 202 11.91 -37.58 -8.56
C ILE D 202 11.45 -36.15 -8.28
N CYS D 203 10.15 -35.92 -8.42
CA CYS D 203 9.53 -34.60 -8.33
C CYS D 203 8.73 -34.54 -7.04
N ASN D 204 9.19 -33.72 -6.10
CA ASN D 204 8.59 -33.64 -4.75
C ASN D 204 7.71 -32.39 -4.70
N VAL D 205 6.39 -32.59 -4.80
CA VAL D 205 5.41 -31.53 -4.71
C VAL D 205 4.87 -31.47 -3.29
N ASN D 206 4.70 -30.26 -2.76
CA ASN D 206 4.19 -30.07 -1.40
C ASN D 206 3.17 -28.95 -1.41
N HIS D 207 1.98 -29.24 -0.87
CA HIS D 207 0.90 -28.26 -0.74
C HIS D 207 0.40 -28.35 0.69
N LYS D 208 1.02 -27.58 1.58
CA LYS D 208 0.65 -27.63 3.00
C LYS D 208 -0.77 -27.16 3.28
N PRO D 209 -1.34 -26.16 2.59
CA PRO D 209 -2.74 -25.80 2.85
C PRO D 209 -3.71 -26.96 2.77
N SER D 210 -3.42 -27.98 1.96
CA SER D 210 -4.28 -29.15 1.84
C SER D 210 -3.62 -30.41 2.38
N ASN D 211 -2.44 -30.28 3.00
CA ASN D 211 -1.76 -31.40 3.65
C ASN D 211 -1.46 -32.52 2.66
N THR D 212 -0.94 -32.15 1.50
CA THR D 212 -0.66 -33.10 0.43
C THR D 212 0.80 -33.00 0.02
N LYS D 213 1.47 -34.15 -0.04
CA LYS D 213 2.82 -34.25 -0.57
C LYS D 213 2.83 -35.33 -1.64
N VAL D 214 3.17 -34.95 -2.87
CA VAL D 214 3.19 -35.87 -4.01
C VAL D 214 4.62 -36.04 -4.47
N ASP D 215 5.01 -37.29 -4.76
CA ASP D 215 6.31 -37.61 -5.31
C ASP D 215 6.10 -38.27 -6.66
N LYS D 216 6.54 -37.61 -7.72
CA LYS D 216 6.37 -38.09 -9.08
C LYS D 216 7.75 -38.38 -9.68
N LYS D 217 7.85 -39.49 -10.41
CA LYS D 217 9.07 -39.88 -11.10
C LYS D 217 8.93 -39.52 -12.57
N VAL D 218 9.72 -38.56 -13.02
CA VAL D 218 9.68 -38.10 -14.42
C VAL D 218 10.73 -38.88 -15.20
N GLU D 219 10.29 -39.58 -16.24
CA GLU D 219 11.15 -40.44 -17.04
C GLU D 219 10.78 -40.30 -18.51
N PRO D 220 11.73 -40.52 -19.41
CA PRO D 220 11.41 -40.41 -20.84
C PRO D 220 10.36 -41.41 -21.27
N LYS D 221 9.60 -41.04 -22.30
CA LYS D 221 8.55 -41.91 -22.83
C LYS D 221 9.13 -43.15 -23.49
N ALA E 4 22.18 22.53 38.13
CA ALA E 4 21.51 23.16 36.99
C ALA E 4 21.02 22.11 36.00
N LYS E 5 21.07 22.45 34.71
CA LYS E 5 20.64 21.55 33.65
C LYS E 5 21.82 20.69 33.22
N VAL E 6 21.81 19.42 33.59
CA VAL E 6 22.83 18.46 33.19
C VAL E 6 22.54 18.05 31.74
N THR E 7 23.41 18.49 30.82
CA THR E 7 23.24 18.25 29.41
C THR E 7 24.34 17.31 28.91
N VAL E 8 24.41 17.13 27.58
CA VAL E 8 25.41 16.24 27.00
C VAL E 8 26.81 16.82 27.16
N ASP E 9 26.93 18.15 27.22
CA ASP E 9 28.22 18.82 27.35
C ASP E 9 28.70 18.92 28.79
N THR E 10 27.88 18.51 29.75
CA THR E 10 28.27 18.58 31.16
C THR E 10 29.46 17.66 31.42
N VAL E 11 30.48 18.20 32.10
CA VAL E 11 31.68 17.46 32.45
C VAL E 11 31.57 17.04 33.90
N CYS E 12 31.38 15.74 34.13
CA CYS E 12 31.25 15.19 35.47
C CYS E 12 32.65 14.97 36.04
N LYS E 13 33.02 15.75 37.05
CA LYS E 13 34.32 15.61 37.68
C LYS E 13 34.40 14.29 38.43
N ARG E 14 35.42 13.49 38.13
CA ARG E 14 35.60 12.17 38.71
C ARG E 14 34.36 11.29 38.49
N GLY E 15 33.85 11.32 37.27
CA GLY E 15 32.66 10.56 36.94
C GLY E 15 32.38 10.63 35.45
N PHE E 16 31.25 10.06 35.07
CA PHE E 16 30.85 9.98 33.67
C PHE E 16 29.35 10.22 33.56
N LEU E 17 28.89 10.39 32.32
CA LEU E 17 27.49 10.69 32.04
C LEU E 17 26.72 9.40 31.78
N ILE E 18 25.47 9.38 32.23
CA ILE E 18 24.54 8.31 31.91
C ILE E 18 23.22 8.93 31.46
N GLN E 19 22.45 8.14 30.73
CA GLN E 19 21.18 8.59 30.17
C GLN E 19 20.09 7.59 30.49
N MET E 20 18.90 8.11 30.80
CA MET E 20 17.73 7.26 31.02
C MET E 20 16.64 7.66 30.04
N SER E 21 15.38 7.31 30.34
CA SER E 21 14.31 7.53 29.39
C SER E 21 14.10 9.02 29.10
N GLY E 22 14.27 9.87 30.11
CA GLY E 22 13.92 11.26 29.94
C GLY E 22 14.82 12.32 30.55
N HIS E 23 16.08 11.99 30.84
CA HIS E 23 16.99 13.00 31.40
C HIS E 23 18.42 12.48 31.29
N LEU E 24 19.35 13.32 31.76
CA LEU E 24 20.75 12.96 31.90
C LEU E 24 21.20 13.29 33.32
N GLU E 25 22.22 12.56 33.79
CA GLU E 25 22.78 12.82 35.10
C GLU E 25 24.23 12.38 35.11
N CYS E 26 24.93 12.71 36.20
CA CYS E 26 26.31 12.30 36.40
C CYS E 26 26.36 11.17 37.41
N LYS E 27 27.02 10.08 37.04
CA LYS E 27 27.26 8.96 37.93
C LYS E 27 28.73 8.93 38.32
N CYS E 28 29.00 8.73 39.59
CA CYS E 28 30.36 8.80 40.09
C CYS E 28 31.10 7.49 39.86
N GLU E 29 32.35 7.60 39.43
CA GLU E 29 33.17 6.43 39.18
C GLU E 29 33.61 5.80 40.50
N ASN E 30 33.83 4.49 40.47
CA ASN E 30 34.32 3.70 41.60
C ASN E 30 33.35 3.85 42.77
N ASP E 31 33.77 4.36 43.92
CA ASP E 31 32.92 4.41 45.12
C ASP E 31 32.65 5.84 45.58
N LEU E 32 32.65 6.79 44.66
CA LEU E 32 32.46 8.19 45.00
C LEU E 32 30.98 8.55 45.08
N VAL E 33 30.71 9.76 45.59
CA VAL E 33 29.36 10.27 45.76
C VAL E 33 29.29 11.68 45.18
N LEU E 34 28.06 12.15 44.97
CA LEU E 34 27.82 13.43 44.33
C LEU E 34 27.73 14.52 45.39
N VAL E 35 28.70 15.45 45.38
CA VAL E 35 28.59 16.62 46.25
C VAL E 35 27.67 17.66 45.60
N ASN E 36 27.72 17.77 44.28
CA ASN E 36 26.75 18.56 43.53
C ASN E 36 26.27 17.75 42.34
N GLU E 37 25.61 18.41 41.38
CA GLU E 37 25.06 17.69 40.24
C GLU E 37 26.12 17.19 39.27
N GLU E 38 27.33 17.79 39.27
CA GLU E 38 28.30 17.49 38.23
C GLU E 38 29.71 17.18 38.75
N THR E 39 29.92 17.10 40.05
CA THR E 39 31.23 16.76 40.59
C THR E 39 31.10 15.66 41.64
N CYS E 40 32.13 14.82 41.71
CA CYS E 40 32.19 13.70 42.64
C CYS E 40 33.40 13.80 43.56
N GLU E 41 33.22 13.36 44.80
CA GLU E 41 34.30 13.30 45.76
C GLU E 41 34.14 12.04 46.60
N GLU E 42 35.24 11.64 47.24
CA GLU E 42 35.26 10.40 48.01
C GLU E 42 34.36 10.49 49.23
N LYS E 43 33.60 9.42 49.46
CA LYS E 43 32.66 9.36 50.57
C LYS E 43 33.35 8.92 51.84
N VAL E 44 32.92 9.48 52.97
CA VAL E 44 33.41 9.10 54.29
C VAL E 44 32.31 8.33 55.01
N LEU E 45 32.70 7.25 55.69
CA LEU E 45 31.74 6.33 56.30
C LEU E 45 31.05 6.97 57.50
N LYS E 46 31.56 6.71 58.70
CA LYS E 46 31.05 7.35 59.90
C LYS E 46 31.66 8.74 60.04
N CYS E 47 30.89 9.66 60.60
CA CYS E 47 31.30 11.05 60.67
C CYS E 47 31.76 11.42 62.09
N ASP E 48 32.88 12.11 62.16
CA ASP E 48 33.49 12.63 63.38
C ASP E 48 33.65 14.15 63.24
N GLU E 49 34.40 14.74 64.17
CA GLU E 49 34.65 16.17 64.11
C GLU E 49 35.55 16.54 62.94
N LYS E 50 36.49 15.68 62.58
CA LYS E 50 37.34 15.96 61.42
C LYS E 50 36.56 15.87 60.11
N THR E 51 35.52 15.03 60.07
CA THR E 51 34.76 14.81 58.84
C THR E 51 33.54 15.72 58.74
N VAL E 52 33.58 16.93 59.29
CA VAL E 52 32.44 17.82 59.27
C VAL E 52 32.30 18.41 57.87
N ASN E 53 31.07 18.41 57.34
CA ASN E 53 30.78 18.91 56.00
C ASN E 53 31.54 18.15 54.92
N LYS E 54 31.80 16.87 55.17
CA LYS E 54 32.38 15.98 54.19
C LYS E 54 31.30 15.14 53.53
N PRO E 55 31.59 14.57 52.35
CA PRO E 55 30.55 13.78 51.66
C PRO E 55 30.26 12.46 52.35
N CYS E 56 29.10 12.35 53.01
CA CYS E 56 28.67 11.10 53.61
C CYS E 56 27.73 10.29 52.71
N GLY E 57 27.33 10.84 51.57
CA GLY E 57 26.46 10.12 50.66
C GLY E 57 26.14 10.98 49.46
N ASP E 58 25.33 10.41 48.57
CA ASP E 58 24.91 11.13 47.37
C ASP E 58 24.05 12.33 47.77
N PHE E 59 24.54 13.54 47.47
CA PHE E 59 23.87 14.78 47.86
C PHE E 59 23.61 14.82 49.36
N SER E 60 24.60 14.39 50.14
CA SER E 60 24.49 14.37 51.60
C SER E 60 25.82 14.77 52.23
N LYS E 61 25.75 15.63 53.24
CA LYS E 61 26.91 16.01 54.03
C LYS E 61 26.63 15.76 55.50
N CYS E 62 27.62 16.09 56.32
CA CYS E 62 27.54 15.97 57.78
C CYS E 62 27.37 17.37 58.37
N ILE E 63 26.37 17.54 59.22
CA ILE E 63 26.11 18.86 59.81
C ILE E 63 26.26 18.79 61.32
N LYS E 64 26.15 19.93 61.98
CA LYS E 64 26.25 20.03 63.42
C LYS E 64 24.85 20.08 64.03
N ILE E 65 24.69 19.46 65.19
CA ILE E 65 23.40 19.41 65.87
C ILE E 65 23.51 20.05 67.25
N PRO E 69 25.37 16.85 73.05
CA PRO E 69 25.58 15.41 72.90
C PRO E 69 26.14 15.04 71.53
N VAL E 70 25.80 13.83 71.06
CA VAL E 70 26.27 13.36 69.76
C VAL E 70 25.60 14.20 68.68
N SER E 71 26.40 14.89 67.87
CA SER E 71 25.93 15.81 66.85
C SER E 71 26.43 15.38 65.46
N TYR E 72 26.47 14.08 65.21
CA TYR E 72 27.01 13.52 63.97
C TYR E 72 25.90 12.80 63.24
N ALA E 73 25.41 13.40 62.16
CA ALA E 73 24.36 12.81 61.35
C ALA E 73 24.66 13.08 59.87
N CYS E 74 24.11 12.22 59.02
CA CYS E 74 24.29 12.32 57.57
C CYS E 74 22.96 12.77 56.96
N LYS E 75 22.73 14.08 56.99
CA LYS E 75 21.51 14.67 56.45
C LYS E 75 21.73 15.16 55.03
N CYS E 76 20.68 15.08 54.23
CA CYS E 76 20.75 15.52 52.84
C CYS E 76 20.80 17.04 52.76
N ASN E 77 21.25 17.53 51.60
CA ASN E 77 21.35 18.96 51.36
C ASN E 77 19.95 19.56 51.22
N LEU E 78 19.91 20.89 51.08
CA LEU E 78 18.64 21.57 50.88
C LEU E 78 18.00 21.15 49.58
N GLY E 79 16.70 20.84 49.63
CA GLY E 79 15.96 20.37 48.49
C GLY E 79 15.80 18.86 48.42
N TYR E 80 16.58 18.12 49.20
CA TYR E 80 16.50 16.66 49.22
C TYR E 80 16.06 16.17 50.60
N ASP E 81 15.51 14.97 50.62
CA ASP E 81 15.08 14.32 51.85
C ASP E 81 15.52 12.88 51.84
N MET E 82 15.99 12.39 52.98
CA MET E 82 16.51 11.03 53.10
C MET E 82 15.36 10.03 53.05
N VAL E 83 15.22 9.33 51.93
CA VAL E 83 14.20 8.31 51.73
C VAL E 83 14.92 7.01 51.44
N ASN E 84 14.79 6.04 52.35
CA ASN E 84 15.42 4.71 52.21
C ASN E 84 16.94 4.82 52.10
N ASN E 85 17.54 5.53 53.05
CA ASN E 85 18.98 5.64 53.24
C ASN E 85 19.68 6.38 52.10
N VAL E 86 18.92 6.96 51.17
CA VAL E 86 19.49 7.76 50.09
C VAL E 86 18.76 9.09 50.05
N CYS E 87 19.33 10.05 49.34
CA CYS E 87 18.79 11.40 49.25
C CYS E 87 17.97 11.53 47.97
N ILE E 88 16.69 11.87 48.14
CA ILE E 88 15.77 12.04 47.02
C ILE E 88 15.23 13.46 47.09
N PRO E 89 14.98 14.12 45.95
CA PRO E 89 14.40 15.47 45.99
C PRO E 89 13.07 15.49 46.73
N ASN E 90 12.80 16.63 47.39
CA ASN E 90 11.59 16.74 48.19
C ASN E 90 10.34 16.47 47.37
N GLU E 91 10.35 16.88 46.11
CA GLU E 91 9.20 16.70 45.24
C GLU E 91 9.03 15.27 44.75
N CYS E 92 10.01 14.39 44.99
CA CYS E 92 9.91 12.97 44.66
C CYS E 92 9.63 12.11 45.88
N LYS E 93 9.11 12.72 46.96
CA LYS E 93 8.98 12.01 48.23
C LYS E 93 8.07 10.79 48.12
N GLN E 94 6.85 11.00 47.61
CA GLN E 94 5.84 9.94 47.62
C GLN E 94 5.54 9.35 46.26
N VAL E 95 6.23 9.78 45.21
CA VAL E 95 6.02 9.25 43.87
C VAL E 95 6.92 8.05 43.64
N THR E 96 6.35 6.99 43.07
CA THR E 96 7.08 5.77 42.75
C THR E 96 6.85 5.42 41.28
N CYS E 97 7.90 4.99 40.60
CA CYS E 97 7.84 4.72 39.18
C CYS E 97 8.03 3.25 38.83
N GLY E 98 8.60 2.45 39.73
CA GLY E 98 8.80 1.03 39.46
C GLY E 98 10.03 0.73 38.63
N ASN E 99 9.84 0.55 37.32
CA ASN E 99 10.95 0.26 36.43
C ASN E 99 11.67 1.53 36.00
N GLY E 100 12.04 2.37 36.97
CA GLY E 100 12.71 3.61 36.68
C GLY E 100 13.09 4.41 37.91
N LYS E 101 13.16 5.73 37.77
CA LYS E 101 13.58 6.60 38.85
C LYS E 101 12.83 7.92 38.74
N CYS E 102 12.70 8.60 39.87
CA CYS E 102 12.05 9.91 39.93
C CYS E 102 13.11 11.01 39.85
N ILE E 103 12.81 12.05 39.07
CA ILE E 103 13.68 13.19 38.91
C ILE E 103 12.85 14.45 39.11
N LEU E 104 13.50 15.61 38.95
CA LEU E 104 12.85 16.90 39.09
C LEU E 104 12.53 17.43 37.70
N ASP E 105 11.26 17.75 37.48
CA ASP E 105 10.82 18.29 36.19
C ASP E 105 11.40 19.69 36.01
N THR E 106 12.32 19.84 35.05
CA THR E 106 12.95 21.14 34.82
C THR E 106 11.95 22.13 34.22
N SER E 107 11.08 21.67 33.33
CA SER E 107 10.20 22.57 32.58
C SER E 107 9.21 23.27 33.50
N ASN E 108 8.44 22.51 34.27
CA ASN E 108 7.34 23.09 35.04
C ASN E 108 7.87 24.12 36.04
N PRO E 109 7.18 25.26 36.20
CA PRO E 109 7.63 26.24 37.20
C PRO E 109 7.53 25.71 38.62
N VAL E 110 6.35 25.23 39.01
CA VAL E 110 6.16 24.49 40.25
C VAL E 110 6.98 23.21 40.13
N LYS E 111 8.09 23.14 40.87
CA LYS E 111 8.97 21.98 40.81
C LYS E 111 8.19 20.71 41.12
N THR E 112 8.09 19.83 40.14
CA THR E 112 7.29 18.62 40.24
C THR E 112 8.13 17.38 40.02
N GLY E 113 7.78 16.31 40.73
CA GLY E 113 8.44 15.03 40.58
C GLY E 113 7.94 14.28 39.35
N VAL E 114 8.84 13.97 38.41
CA VAL E 114 8.48 13.21 37.22
C VAL E 114 9.34 11.95 37.16
N CYS E 115 8.86 10.97 36.41
CA CYS E 115 9.50 9.66 36.33
C CYS E 115 10.46 9.60 35.14
N SER E 116 11.61 8.98 35.36
CA SER E 116 12.58 8.69 34.31
C SER E 116 12.86 7.19 34.34
N CYS E 117 12.60 6.53 33.21
CA CYS E 117 12.60 5.07 33.14
C CYS E 117 13.93 4.53 32.65
N ASN E 118 14.15 3.24 32.91
CA ASN E 118 15.31 2.55 32.40
C ASN E 118 15.23 2.42 30.87
N ILE E 119 16.34 2.02 30.27
CA ILE E 119 16.38 1.83 28.83
C ILE E 119 15.51 0.65 28.44
N GLY E 120 14.57 0.88 27.52
CA GLY E 120 13.60 -0.11 27.13
C GLY E 120 12.21 0.15 27.65
N LYS E 121 12.06 1.05 28.63
CA LYS E 121 10.77 1.40 29.20
C LYS E 121 10.55 2.89 29.07
N VAL E 122 9.28 3.29 29.09
CA VAL E 122 8.89 4.70 28.96
C VAL E 122 7.75 4.98 29.92
N PRO E 123 7.53 6.25 30.28
CA PRO E 123 6.38 6.60 31.12
C PRO E 123 5.07 6.22 30.44
N ASN E 124 4.21 5.52 31.18
CA ASN E 124 2.94 5.04 30.67
C ASN E 124 1.84 6.01 31.08
N VAL E 125 1.19 6.62 30.08
CA VAL E 125 0.15 7.61 30.37
C VAL E 125 -1.06 6.94 31.04
N GLN E 126 -1.32 5.67 30.72
CA GLN E 126 -2.41 4.92 31.32
C GLN E 126 -2.00 4.21 32.61
N ASP E 127 -0.92 4.66 33.24
CA ASP E 127 -0.46 4.04 34.49
C ASP E 127 0.14 5.10 35.41
N GLN E 128 -0.52 6.25 35.50
CA GLN E 128 -0.09 7.35 36.39
C GLN E 128 1.35 7.78 36.09
N ASN E 129 1.71 7.73 34.81
CA ASN E 129 3.06 8.08 34.34
C ASN E 129 4.12 7.24 35.04
N LYS E 130 3.87 5.95 35.14
CA LYS E 130 4.85 5.00 35.66
C LYS E 130 5.57 4.31 34.51
N CYS E 131 6.63 3.59 34.87
CA CYS E 131 7.52 2.95 33.89
C CYS E 131 7.05 1.51 33.64
N SER E 132 5.86 1.41 33.05
CA SER E 132 5.25 0.12 32.73
C SER E 132 4.97 -0.06 31.24
N LYS E 133 5.52 0.79 30.39
CA LYS E 133 5.31 0.72 28.95
C LYS E 133 6.64 0.50 28.26
N ASP E 134 6.70 -0.50 27.38
CA ASP E 134 7.89 -0.73 26.57
C ASP E 134 8.00 0.36 25.52
N GLY E 135 9.16 1.01 25.45
CA GLY E 135 9.33 2.10 24.52
C GLY E 135 10.79 2.32 24.15
N GLU E 136 10.98 3.16 23.15
CA GLU E 136 12.30 3.46 22.63
C GLU E 136 12.87 4.72 23.28
N THR E 137 14.18 4.72 23.49
CA THR E 137 14.91 5.88 24.01
C THR E 137 16.18 6.03 23.20
N LYS E 138 16.25 7.10 22.40
CA LYS E 138 17.42 7.32 21.56
C LYS E 138 18.55 7.93 22.37
N CYS E 139 19.71 7.29 22.33
CA CYS E 139 20.85 7.76 23.11
C CYS E 139 21.45 9.02 22.48
N SER E 140 21.62 10.05 23.28
CA SER E 140 22.21 11.32 22.84
C SER E 140 23.62 11.53 23.35
N LEU E 141 24.23 10.51 23.95
CA LEU E 141 25.57 10.65 24.51
C LEU E 141 26.61 10.77 23.40
N LYS E 142 27.54 11.71 23.58
CA LYS E 142 28.66 11.88 22.66
C LYS E 142 29.88 11.22 23.28
N CYS E 143 30.14 9.98 22.87
CA CYS E 143 31.28 9.20 23.38
C CYS E 143 32.46 9.45 22.46
N LEU E 144 33.29 10.42 22.81
CA LEU E 144 34.41 10.84 21.96
C LEU E 144 35.68 10.05 22.22
N LYS E 145 35.74 9.24 23.28
CA LYS E 145 36.96 8.50 23.58
C LYS E 145 37.23 7.44 22.51
N GLU E 146 38.41 6.83 22.61
CA GLU E 146 38.89 5.91 21.58
C GLU E 146 38.06 4.63 21.56
N GLN E 147 37.39 4.38 20.43
CA GLN E 147 36.65 3.14 20.21
C GLN E 147 35.61 2.88 21.29
N GLU E 148 34.82 3.91 21.60
CA GLU E 148 33.73 3.81 22.55
C GLU E 148 32.42 4.23 21.88
N THR E 149 31.33 3.60 22.32
CA THR E 149 30.01 3.90 21.80
C THR E 149 29.01 3.85 22.95
N CYS E 150 27.80 4.34 22.69
CA CYS E 150 26.74 4.33 23.69
C CYS E 150 26.12 2.94 23.76
N LYS E 151 26.17 2.34 24.95
CA LYS E 151 25.61 1.02 25.18
C LYS E 151 24.71 1.06 26.41
N ALA E 152 23.70 0.19 26.42
CA ALA E 152 22.76 0.11 27.54
C ALA E 152 23.26 -0.94 28.53
N VAL E 153 23.74 -0.47 29.68
CA VAL E 153 24.28 -1.34 30.72
C VAL E 153 23.41 -1.15 31.96
N ASP E 154 22.70 -2.21 32.36
CA ASP E 154 21.87 -2.21 33.57
C ASP E 154 20.80 -1.12 33.51
N GLY E 155 20.17 -0.97 32.36
CA GLY E 155 19.03 -0.08 32.22
C GLY E 155 19.36 1.37 31.97
N ILE E 156 20.65 1.72 31.80
CA ILE E 156 21.04 3.10 31.52
C ILE E 156 22.01 3.12 30.35
N TYR E 157 22.00 4.24 29.63
CA TYR E 157 22.98 4.46 28.57
C TYR E 157 24.27 5.00 29.16
N LYS E 158 25.40 4.58 28.59
CA LYS E 158 26.69 5.05 29.05
C LYS E 158 27.71 4.80 27.96
N CYS E 159 28.85 5.48 28.06
CA CYS E 159 29.94 5.31 27.12
C CYS E 159 30.76 4.11 27.56
N ASP E 160 30.73 3.05 26.77
CA ASP E 160 31.49 1.83 27.05
C ASP E 160 32.23 1.40 25.79
N CYS E 161 33.13 0.45 25.95
CA CYS E 161 33.90 -0.05 24.82
C CYS E 161 32.97 -0.70 23.80
N LYS E 162 33.35 -0.61 22.53
CA LYS E 162 32.55 -1.18 21.47
C LYS E 162 32.59 -2.71 21.54
N ASP E 163 31.76 -3.33 20.69
CA ASP E 163 31.65 -4.78 20.64
C ASP E 163 32.99 -5.44 20.30
N GLY E 164 33.58 -6.12 21.27
CA GLY E 164 34.85 -6.81 21.07
C GLY E 164 36.05 -6.12 21.71
N PHE E 165 35.85 -5.03 22.42
CA PHE E 165 36.93 -4.29 23.06
C PHE E 165 36.87 -4.51 24.57
N ILE E 166 38.04 -4.48 25.20
CA ILE E 166 38.16 -4.67 26.64
C ILE E 166 38.90 -3.48 27.23
N ILE E 167 38.36 -2.91 28.30
CA ILE E 167 38.99 -1.78 28.97
C ILE E 167 40.27 -2.26 29.65
N ASP E 168 41.39 -1.65 29.29
CA ASP E 168 42.67 -1.95 29.92
C ASP E 168 42.78 -1.15 31.21
N GLN E 169 42.79 -1.84 32.34
CA GLN E 169 42.82 -1.16 33.63
C GLN E 169 44.11 -0.39 33.86
N GLU E 170 45.18 -0.71 33.12
CA GLU E 170 46.43 0.03 33.26
C GLU E 170 46.34 1.41 32.63
N SER E 171 45.50 1.58 31.61
CA SER E 171 45.35 2.86 30.94
C SER E 171 43.92 3.35 30.81
N SER E 172 42.93 2.55 31.20
CA SER E 172 41.51 2.92 31.09
C SER E 172 41.10 3.21 29.65
N ILE E 173 41.75 2.57 28.68
CA ILE E 173 41.42 2.76 27.27
C ILE E 173 40.89 1.44 26.71
N CYS E 174 40.02 1.56 25.70
CA CYS E 174 39.42 0.40 25.05
C CYS E 174 40.34 -0.08 23.94
N THR E 175 40.91 -1.27 24.11
CA THR E 175 41.74 -1.91 23.09
C THR E 175 41.20 -3.30 22.81
N GLY E 176 41.88 -4.02 21.92
CA GLY E 176 41.46 -5.36 21.55
C GLY E 176 42.62 -6.31 21.29
N GLU F 3 1.54 7.48 8.99
CA GLU F 3 2.60 6.67 8.41
C GLU F 3 3.66 7.53 7.74
N LEU F 4 4.92 7.12 7.90
CA LEU F 4 6.03 7.84 7.29
C LEU F 4 5.89 7.85 5.78
N SER F 5 6.43 8.89 5.14
CA SER F 5 6.26 9.11 3.71
C SER F 5 7.54 8.76 2.98
N GLN F 6 7.41 7.94 1.95
CA GLN F 6 8.48 7.55 1.04
C GLN F 6 8.01 7.76 -0.39
N PRO F 7 8.93 8.00 -1.31
CA PRO F 7 8.56 8.01 -2.73
C PRO F 7 8.22 6.61 -3.20
N PRO F 8 7.08 6.45 -3.91
CA PRO F 8 6.68 5.09 -4.32
C PRO F 8 7.65 4.43 -5.27
N SER F 9 8.20 5.17 -6.24
CA SER F 9 9.11 4.62 -7.22
C SER F 9 10.37 5.47 -7.30
N VAL F 10 11.52 4.81 -7.37
CA VAL F 10 12.81 5.46 -7.54
C VAL F 10 13.63 4.65 -8.54
N SER F 11 14.01 5.28 -9.65
CA SER F 11 14.80 4.64 -10.68
C SER F 11 16.24 5.16 -10.62
N VAL F 12 17.20 4.25 -10.75
CA VAL F 12 18.62 4.59 -10.71
C VAL F 12 19.34 3.80 -11.80
N SER F 13 20.29 4.46 -12.46
CA SER F 13 21.11 3.78 -13.45
C SER F 13 22.10 2.86 -12.75
N ALA F 14 22.40 1.73 -13.41
CA ALA F 14 23.30 0.75 -12.84
C ALA F 14 24.66 1.36 -12.55
N GLY F 15 25.17 1.13 -11.33
CA GLY F 15 26.43 1.68 -10.91
C GLY F 15 26.38 3.06 -10.29
N GLN F 16 25.22 3.70 -10.31
CA GLN F 16 25.08 5.04 -9.74
C GLN F 16 24.64 4.94 -8.28
N THR F 17 24.34 6.08 -7.68
CA THR F 17 23.95 6.17 -6.28
C THR F 17 22.45 6.44 -6.19
N ALA F 18 21.75 5.63 -5.40
CA ALA F 18 20.32 5.79 -5.18
C ALA F 18 20.07 6.29 -3.76
N SER F 19 19.15 7.25 -3.64
CA SER F 19 18.78 7.84 -2.36
C SER F 19 17.28 7.68 -2.14
N ILE F 20 16.90 7.07 -1.02
CA ILE F 20 15.50 6.86 -0.66
C ILE F 20 15.24 7.58 0.65
N THR F 21 14.32 8.55 0.62
CA THR F 21 14.05 9.40 1.77
C THR F 21 12.84 8.89 2.54
N CYS F 22 12.83 9.21 3.83
CA CYS F 22 11.74 8.83 4.74
C CYS F 22 11.45 10.02 5.63
N SER F 23 10.26 10.62 5.50
CA SER F 23 9.90 11.82 6.22
C SER F 23 8.96 11.50 7.37
N GLY F 24 9.18 12.15 8.52
CA GLY F 24 8.37 11.95 9.69
C GLY F 24 8.19 13.25 10.46
N ASP F 25 7.38 13.17 11.53
CA ASP F 25 7.10 14.35 12.33
C ASP F 25 8.36 14.83 13.06
N LYS F 26 8.94 13.96 13.89
CA LYS F 26 10.17 14.26 14.61
C LYS F 26 11.12 13.08 14.48
N LEU F 27 11.41 12.71 13.23
CA LEU F 27 12.18 11.49 12.96
C LEU F 27 13.62 11.61 13.42
N GLY F 28 14.15 12.83 13.56
CA GLY F 28 15.50 13.01 14.04
C GLY F 28 15.72 12.54 15.47
N GLY F 29 14.66 12.52 16.26
CA GLY F 29 14.73 12.04 17.64
C GLY F 29 14.45 10.57 17.81
N LYS F 30 14.15 9.86 16.72
CA LYS F 30 13.89 8.43 16.75
C LYS F 30 15.01 7.68 16.03
N TYR F 31 15.11 6.39 16.34
CA TYR F 31 16.05 5.53 15.64
C TYR F 31 15.46 5.09 14.31
N GLY F 32 16.24 5.19 13.24
CA GLY F 32 15.79 4.85 11.91
C GLY F 32 16.19 3.42 11.55
N TYR F 33 15.24 2.69 10.98
CA TYR F 33 15.45 1.30 10.57
C TYR F 33 14.98 1.14 9.13
N TRP F 34 15.80 0.48 8.31
CA TRP F 34 15.51 0.27 6.91
C TRP F 34 15.50 -1.23 6.61
N TYR F 35 14.55 -1.66 5.79
CA TYR F 35 14.39 -3.06 5.44
C TYR F 35 14.29 -3.21 3.93
N GLN F 36 14.93 -4.25 3.41
CA GLN F 36 14.87 -4.60 2.00
C GLN F 36 14.03 -5.87 1.85
N GLN F 37 13.09 -5.85 0.90
CA GLN F 37 12.19 -6.97 0.67
C GLN F 37 12.20 -7.33 -0.80
N ARG F 38 12.73 -8.50 -1.13
CA ARG F 38 12.68 -9.05 -2.47
C ARG F 38 11.37 -9.80 -2.66
N PRO F 39 10.88 -9.89 -3.91
CA PRO F 39 9.56 -10.50 -4.12
C PRO F 39 9.51 -11.96 -3.68
N GLY F 40 8.52 -12.27 -2.85
CA GLY F 40 8.23 -13.63 -2.43
C GLY F 40 8.80 -13.99 -1.07
N GLN F 41 9.93 -13.41 -0.68
CA GLN F 41 10.60 -13.79 0.55
C GLN F 41 10.40 -12.72 1.62
N SER F 42 10.90 -13.00 2.82
CA SER F 42 10.73 -12.13 3.97
C SER F 42 11.71 -10.96 3.91
N PRO F 43 11.35 -9.82 4.53
CA PRO F 43 12.26 -8.68 4.54
C PRO F 43 13.47 -8.93 5.42
N ILE F 44 14.56 -8.23 5.10
CA ILE F 44 15.79 -8.31 5.86
C ILE F 44 16.18 -6.91 6.34
N LEU F 45 16.78 -6.85 7.53
CA LEU F 45 17.23 -5.58 8.08
C LEU F 45 18.54 -5.18 7.41
N VAL F 46 18.55 -4.01 6.77
CA VAL F 46 19.75 -3.52 6.10
C VAL F 46 20.37 -2.34 6.83
N ILE F 47 19.59 -1.53 7.54
CA ILE F 47 20.11 -0.38 8.28
C ILE F 47 19.35 -0.28 9.60
N TYR F 48 20.08 -0.25 10.71
CA TYR F 48 19.49 -0.08 12.03
C TYR F 48 20.21 1.03 12.75
N GLN F 49 19.50 1.70 13.66
CA GLN F 49 20.02 2.82 14.44
C GLN F 49 20.59 3.89 13.51
N ASP F 50 19.74 4.37 12.60
CA ASP F 50 20.03 5.47 11.69
C ASP F 50 21.11 5.14 10.67
N SER F 51 22.32 4.80 11.14
CA SER F 51 23.47 4.66 10.25
C SER F 51 24.20 3.33 10.33
N LYS F 52 23.87 2.47 11.29
CA LYS F 52 24.61 1.23 11.47
C LYS F 52 24.12 0.14 10.51
N ARG F 53 25.02 -0.79 10.19
CA ARG F 53 24.73 -1.91 9.32
C ARG F 53 24.94 -3.24 10.05
N PRO F 54 24.03 -4.19 9.91
CA PRO F 54 24.26 -5.52 10.46
C PRO F 54 25.29 -6.28 9.65
N SER F 55 25.75 -7.40 10.21
CA SER F 55 26.74 -8.22 9.53
C SER F 55 26.16 -8.84 8.27
N GLY F 56 26.97 -8.91 7.22
CA GLY F 56 26.55 -9.46 5.95
C GLY F 56 25.99 -8.45 4.96
N ILE F 57 25.67 -7.25 5.41
CA ILE F 57 25.16 -6.21 4.50
C ILE F 57 26.36 -5.52 3.85
N PRO F 58 26.39 -5.39 2.52
CA PRO F 58 27.54 -4.76 1.86
C PRO F 58 27.71 -3.31 2.29
N GLU F 59 28.97 -2.86 2.25
CA GLU F 59 29.31 -1.50 2.68
C GLU F 59 28.74 -0.42 1.78
N ARG F 60 28.11 -0.78 0.66
CA ARG F 60 27.52 0.22 -0.23
C ARG F 60 26.22 0.80 0.31
N PHE F 61 25.64 0.19 1.34
CA PHE F 61 24.42 0.70 1.95
C PHE F 61 24.78 1.67 3.07
N SER F 62 24.20 2.87 3.02
CA SER F 62 24.45 3.88 4.03
C SER F 62 23.12 4.46 4.50
N GLY F 63 23.14 5.04 5.70
CA GLY F 63 21.95 5.60 6.30
C GLY F 63 22.25 6.89 7.02
N SER F 64 21.26 7.78 7.04
CA SER F 64 21.35 9.03 7.76
C SER F 64 19.97 9.39 8.30
N ASN F 65 19.95 10.16 9.38
CA ASN F 65 18.69 10.54 10.02
C ASN F 65 18.91 11.83 10.77
N SER F 66 18.24 12.91 10.34
CA SER F 66 18.36 14.20 10.98
C SER F 66 17.13 15.03 10.63
N GLY F 67 16.66 15.81 11.60
CA GLY F 67 15.49 16.64 11.39
C GLY F 67 14.23 15.82 11.15
N ASN F 68 13.66 15.95 9.96
CA ASN F 68 12.42 15.25 9.62
C ASN F 68 12.59 14.25 8.49
N THR F 69 13.82 13.98 8.05
CA THR F 69 14.06 13.02 6.98
C THR F 69 15.15 12.04 7.39
N ALA F 70 14.91 10.76 7.09
CA ALA F 70 15.91 9.70 7.22
C ALA F 70 16.09 9.08 5.84
N THR F 71 17.32 9.05 5.35
CA THR F 71 17.60 8.65 3.97
C THR F 71 18.40 7.35 3.94
N LEU F 72 18.01 6.46 3.04
CA LEU F 72 18.77 5.26 2.73
C LEU F 72 19.50 5.47 1.41
N THR F 73 20.82 5.26 1.43
CA THR F 73 21.67 5.53 0.29
C THR F 73 22.39 4.26 -0.13
N ILE F 74 22.32 3.93 -1.42
CA ILE F 74 22.99 2.76 -1.99
C ILE F 74 23.93 3.24 -3.08
N SER F 75 25.23 3.04 -2.86
CA SER F 75 26.24 3.44 -3.82
C SER F 75 26.56 2.28 -4.76
N GLY F 76 26.70 2.59 -6.05
CA GLY F 76 26.96 1.57 -7.05
C GLY F 76 25.86 0.53 -7.11
N THR F 77 24.64 0.98 -7.37
CA THR F 77 23.49 0.09 -7.38
C THR F 77 23.64 -0.98 -8.47
N GLN F 78 23.38 -2.22 -8.10
CA GLN F 78 23.51 -3.38 -8.98
C GLN F 78 22.13 -3.91 -9.32
N ALA F 79 22.10 -4.96 -10.15
CA ALA F 79 20.83 -5.58 -10.52
C ALA F 79 20.17 -6.25 -9.33
N MET F 80 20.96 -6.73 -8.37
CA MET F 80 20.44 -7.39 -7.18
C MET F 80 19.87 -6.41 -6.16
N ASP F 81 19.72 -5.14 -6.51
CA ASP F 81 19.16 -4.15 -5.61
C ASP F 81 17.73 -3.77 -5.96
N GLU F 82 17.19 -4.28 -7.07
CA GLU F 82 15.82 -3.99 -7.47
C GLU F 82 14.87 -4.73 -6.55
N ALA F 83 14.32 -4.02 -5.57
CA ALA F 83 13.41 -4.59 -4.58
C ALA F 83 12.63 -3.46 -3.94
N ASP F 84 11.84 -3.79 -2.91
CA ASP F 84 11.08 -2.82 -2.15
C ASP F 84 11.80 -2.52 -0.85
N TYR F 85 12.09 -1.24 -0.62
CA TYR F 85 12.79 -0.79 0.58
C TYR F 85 11.81 -0.06 1.49
N TYR F 86 11.77 -0.48 2.76
CA TYR F 86 10.82 0.05 3.72
C TYR F 86 11.53 0.80 4.84
N CYS F 87 10.79 1.72 5.45
CA CYS F 87 11.27 2.57 6.53
C CYS F 87 10.51 2.25 7.81
N GLN F 88 11.16 2.44 8.95
CA GLN F 88 10.55 2.07 10.22
C GLN F 88 11.09 2.96 11.33
N ALA F 89 10.20 3.32 12.25
CA ALA F 89 10.56 4.07 13.46
C ALA F 89 9.45 3.89 14.48
N TRP F 90 9.84 3.87 15.76
CA TRP F 90 8.89 3.66 16.84
C TRP F 90 8.39 5.01 17.35
N ASP F 91 7.07 5.17 17.37
CA ASP F 91 6.43 6.38 17.85
C ASP F 91 5.70 6.08 19.16
N ILE F 92 5.54 7.13 19.98
CA ILE F 92 4.99 6.93 21.32
C ILE F 92 3.51 6.59 21.25
N SER F 93 2.74 7.29 20.41
CA SER F 93 1.31 7.06 20.30
C SER F 93 1.04 5.75 19.56
N THR F 94 1.35 5.72 18.26
CA THR F 94 1.32 4.50 17.48
C THR F 94 2.69 3.84 17.56
N ASN F 95 2.73 2.62 18.11
CA ASN F 95 4.00 1.98 18.46
C ASN F 95 4.96 1.89 17.27
N TRP F 96 4.75 0.89 16.40
CA TRP F 96 5.63 0.71 15.25
C TRP F 96 4.92 1.17 13.99
N VAL F 97 5.63 1.94 13.16
CA VAL F 97 5.08 2.52 11.95
C VAL F 97 6.02 2.21 10.79
N PHE F 98 5.47 1.67 9.71
CA PHE F 98 6.23 1.40 8.49
C PHE F 98 5.88 2.43 7.43
N GLY F 99 6.83 2.71 6.56
CA GLY F 99 6.59 3.58 5.43
C GLY F 99 5.78 2.89 4.35
N GLY F 100 5.27 3.71 3.42
CA GLY F 100 4.47 3.19 2.33
C GLY F 100 5.24 2.27 1.39
N GLY F 101 6.56 2.41 1.34
CA GLY F 101 7.39 1.57 0.49
C GLY F 101 8.05 2.37 -0.62
N THR F 102 9.01 1.71 -1.27
CA THR F 102 9.73 2.32 -2.39
C THR F 102 10.26 1.21 -3.27
N LYS F 103 9.78 1.16 -4.51
CA LYS F 103 10.26 0.19 -5.49
C LYS F 103 11.46 0.76 -6.21
N LEU F 104 12.65 0.26 -5.88
CA LEU F 104 13.88 0.72 -6.52
C LEU F 104 14.07 -0.03 -7.84
N THR F 105 14.09 0.71 -8.94
CA THR F 105 14.28 0.13 -10.27
C THR F 105 15.69 0.47 -10.75
N VAL F 106 16.47 -0.56 -11.06
CA VAL F 106 17.84 -0.41 -11.50
C VAL F 106 17.86 -0.47 -13.02
N LEU F 107 18.10 0.68 -13.66
CA LEU F 107 18.11 0.78 -15.10
C LEU F 107 19.50 0.45 -15.65
N GLY F 108 19.54 0.17 -16.95
CA GLY F 108 20.79 -0.15 -17.62
C GLY F 108 21.17 -1.60 -17.62
N GLN F 109 20.27 -2.50 -17.25
CA GLN F 109 20.58 -3.92 -17.27
C GLN F 109 20.63 -4.41 -18.72
N PRO F 110 21.56 -5.32 -19.05
CA PRO F 110 21.69 -5.77 -20.43
C PRO F 110 20.46 -6.55 -20.90
N LYS F 111 20.15 -6.39 -22.18
CA LYS F 111 19.03 -7.08 -22.78
C LYS F 111 19.27 -8.59 -22.82
N ALA F 112 18.20 -9.36 -22.67
CA ALA F 112 18.28 -10.81 -22.65
C ALA F 112 17.18 -11.39 -23.53
N ALA F 113 17.49 -12.51 -24.19
CA ALA F 113 16.61 -13.24 -25.09
C ALA F 113 15.96 -14.41 -24.36
N PRO F 114 14.66 -14.63 -24.58
CA PRO F 114 13.94 -15.68 -23.83
C PRO F 114 14.38 -17.08 -24.22
N SER F 115 14.17 -18.01 -23.30
CA SER F 115 14.38 -19.44 -23.51
C SER F 115 13.02 -20.13 -23.42
N VAL F 116 12.45 -20.45 -24.57
CA VAL F 116 11.10 -21.01 -24.65
C VAL F 116 11.18 -22.53 -24.65
N THR F 117 10.52 -23.17 -23.68
CA THR F 117 10.46 -24.63 -23.60
C THR F 117 8.99 -25.03 -23.57
N LEU F 118 8.54 -25.72 -24.62
CA LEU F 118 7.16 -26.13 -24.77
C LEU F 118 7.03 -27.63 -24.52
N PHE F 119 6.12 -28.00 -23.60
CA PHE F 119 5.88 -29.39 -23.26
C PHE F 119 4.51 -29.85 -23.77
N PRO F 120 4.40 -31.08 -24.23
CA PRO F 120 3.11 -31.60 -24.70
C PRO F 120 2.32 -32.21 -23.55
N PRO F 121 1.02 -32.43 -23.72
CA PRO F 121 0.23 -33.04 -22.66
C PRO F 121 0.73 -34.42 -22.30
N SER F 122 0.80 -34.70 -21.00
CA SER F 122 1.25 -36.00 -20.53
C SER F 122 0.20 -37.07 -20.84
N SER F 123 0.66 -38.32 -20.98
CA SER F 123 -0.26 -39.42 -21.22
C SER F 123 -1.19 -39.64 -20.04
N GLU F 124 -0.69 -39.41 -18.82
CA GLU F 124 -1.54 -39.54 -17.64
C GLU F 124 -2.69 -38.54 -17.67
N GLU F 125 -2.38 -37.28 -18.00
CA GLU F 125 -3.43 -36.26 -18.05
C GLU F 125 -4.38 -36.51 -19.21
N LEU F 126 -3.91 -37.11 -20.30
CA LEU F 126 -4.81 -37.47 -21.40
C LEU F 126 -5.80 -38.54 -20.99
N GLN F 127 -5.46 -39.38 -20.01
CA GLN F 127 -6.42 -40.33 -19.47
C GLN F 127 -7.40 -39.69 -18.50
N ALA F 128 -7.09 -38.50 -18.00
CA ALA F 128 -8.01 -37.71 -17.19
C ALA F 128 -8.94 -36.85 -18.02
N ASN F 129 -8.93 -37.02 -19.35
CA ASN F 129 -9.81 -36.35 -20.29
C ASN F 129 -9.57 -34.84 -20.35
N LYS F 130 -8.39 -34.38 -19.94
CA LYS F 130 -8.02 -32.98 -20.04
C LYS F 130 -6.58 -32.88 -20.54
N ALA F 131 -6.35 -32.03 -21.52
CA ALA F 131 -5.04 -31.88 -22.16
C ALA F 131 -4.56 -30.45 -21.99
N THR F 132 -3.36 -30.29 -21.43
CA THR F 132 -2.79 -28.97 -21.20
C THR F 132 -1.38 -28.92 -21.77
N LEU F 133 -1.09 -27.86 -22.51
CA LEU F 133 0.26 -27.58 -23.01
C LEU F 133 0.91 -26.53 -22.13
N VAL F 134 2.21 -26.70 -21.89
CA VAL F 134 2.95 -25.85 -20.97
C VAL F 134 4.08 -25.17 -21.74
N CYS F 135 3.98 -23.86 -21.88
CA CYS F 135 5.02 -23.05 -22.51
C CYS F 135 5.74 -22.25 -21.44
N LEU F 136 7.03 -22.51 -21.28
CA LEU F 136 7.84 -21.95 -20.20
C LEU F 136 8.84 -20.96 -20.78
N ILE F 137 8.60 -19.68 -20.55
CA ILE F 137 9.48 -18.60 -21.01
C ILE F 137 10.33 -18.14 -19.82
N SER F 138 11.63 -18.00 -20.04
CA SER F 138 12.52 -17.64 -18.95
C SER F 138 13.77 -16.96 -19.52
N ASP F 139 14.52 -16.32 -18.61
CA ASP F 139 15.84 -15.75 -18.91
C ASP F 139 15.76 -14.65 -19.97
N PHE F 140 14.77 -13.75 -19.83
CA PHE F 140 14.64 -12.63 -20.73
C PHE F 140 14.61 -11.32 -19.94
N TYR F 141 14.94 -10.23 -20.63
CA TYR F 141 14.91 -8.89 -20.07
C TYR F 141 14.94 -7.90 -21.21
N PRO F 142 14.15 -6.81 -21.17
CA PRO F 142 13.19 -6.45 -20.13
C PRO F 142 12.00 -7.40 -20.01
N GLY F 143 11.30 -7.34 -18.89
CA GLY F 143 10.22 -8.28 -18.60
C GLY F 143 8.91 -7.98 -19.29
N ALA F 144 8.91 -7.95 -20.62
CA ALA F 144 7.69 -7.78 -21.40
C ALA F 144 7.75 -8.71 -22.60
N VAL F 145 6.80 -9.62 -22.71
CA VAL F 145 6.73 -10.58 -23.80
C VAL F 145 5.31 -10.63 -24.35
N THR F 146 5.17 -11.26 -25.50
CA THR F 146 3.87 -11.45 -26.14
C THR F 146 3.80 -12.89 -26.63
N VAL F 147 2.80 -13.63 -26.17
CA VAL F 147 2.65 -15.05 -26.46
C VAL F 147 1.48 -15.23 -27.42
N ALA F 148 1.66 -16.09 -28.41
CA ALA F 148 0.61 -16.40 -29.37
C ALA F 148 0.58 -17.90 -29.60
N TRP F 149 -0.58 -18.52 -29.45
CA TRP F 149 -0.75 -19.95 -29.63
C TRP F 149 -1.35 -20.22 -31.01
N LYS F 150 -0.91 -21.31 -31.63
CA LYS F 150 -1.36 -21.67 -32.97
C LYS F 150 -1.69 -23.16 -33.02
N ALA F 151 -2.87 -23.49 -33.51
CA ALA F 151 -3.25 -24.86 -33.83
C ALA F 151 -2.92 -25.10 -35.30
N ASP F 152 -2.03 -26.06 -35.55
CA ASP F 152 -1.44 -26.26 -36.88
C ASP F 152 -0.78 -24.97 -37.33
N SER F 153 -1.40 -24.26 -38.26
CA SER F 153 -0.89 -22.98 -38.74
C SER F 153 -1.82 -21.81 -38.42
N SER F 154 -2.97 -22.05 -37.79
CA SER F 154 -3.98 -21.06 -37.47
C SER F 154 -3.92 -20.65 -36.01
N PRO F 155 -4.16 -19.38 -35.71
CA PRO F 155 -4.05 -18.91 -34.33
C PRO F 155 -5.13 -19.48 -33.42
N VAL F 156 -4.79 -19.62 -32.14
CA VAL F 156 -5.68 -20.15 -31.12
C VAL F 156 -6.23 -18.99 -30.30
N LYS F 157 -7.53 -19.02 -30.02
CA LYS F 157 -8.21 -17.94 -29.31
C LYS F 157 -8.59 -18.31 -27.88
N ALA F 158 -9.16 -19.48 -27.66
CA ALA F 158 -9.66 -19.88 -26.35
C ALA F 158 -8.68 -20.80 -25.63
N GLY F 159 -8.81 -20.87 -24.31
CA GLY F 159 -8.00 -21.75 -23.50
C GLY F 159 -6.64 -21.23 -23.08
N VAL F 160 -6.35 -19.95 -23.30
CA VAL F 160 -5.03 -19.40 -23.03
C VAL F 160 -5.01 -18.72 -21.66
N GLU F 161 -3.93 -18.95 -20.92
CA GLU F 161 -3.69 -18.30 -19.63
C GLU F 161 -2.21 -17.96 -19.54
N THR F 162 -1.88 -16.68 -19.69
CA THR F 162 -0.50 -16.22 -19.70
C THR F 162 -0.17 -15.53 -18.37
N THR F 163 0.99 -15.84 -17.83
CA THR F 163 1.43 -15.30 -16.54
C THR F 163 2.21 -14.01 -16.75
N THR F 164 1.99 -13.05 -15.87
CA THR F 164 2.76 -11.81 -15.90
C THR F 164 4.20 -12.09 -15.49
N PRO F 165 5.19 -11.63 -16.25
CA PRO F 165 6.58 -11.95 -15.93
C PRO F 165 7.00 -11.46 -14.55
N SER F 166 8.01 -12.11 -14.00
CA SER F 166 8.55 -11.75 -12.70
C SER F 166 10.02 -12.10 -12.65
N LYS F 167 10.74 -11.46 -11.73
CA LYS F 167 12.18 -11.65 -11.65
C LYS F 167 12.55 -13.04 -11.13
N GLN F 168 13.57 -13.62 -11.73
CA GLN F 168 14.09 -14.92 -11.30
C GLN F 168 15.19 -14.69 -10.25
N SER F 169 15.95 -15.74 -9.95
CA SER F 169 17.10 -15.62 -9.07
C SER F 169 18.31 -15.00 -9.74
N ASN F 170 18.30 -14.89 -11.07
CA ASN F 170 19.41 -14.30 -11.81
C ASN F 170 19.07 -12.90 -12.32
N ASN F 171 18.06 -12.25 -11.73
CA ASN F 171 17.60 -10.91 -12.06
C ASN F 171 17.02 -10.81 -13.47
N LYS F 172 16.76 -11.94 -14.13
CA LYS F 172 16.02 -11.95 -15.38
C LYS F 172 14.56 -12.29 -15.10
N TYR F 173 13.75 -12.29 -16.15
CA TYR F 173 12.32 -12.50 -16.00
C TYR F 173 11.89 -13.86 -16.55
N ALA F 174 10.78 -14.36 -16.03
CA ALA F 174 10.22 -15.64 -16.45
C ALA F 174 8.70 -15.56 -16.47
N ALA F 175 8.08 -16.33 -17.36
CA ALA F 175 6.64 -16.32 -17.51
C ALA F 175 6.18 -17.71 -17.91
N SER F 176 4.90 -17.98 -17.67
CA SER F 176 4.27 -19.24 -18.02
C SER F 176 3.06 -19.00 -18.88
N SER F 177 2.78 -19.94 -19.78
CA SER F 177 1.59 -19.90 -20.62
C SER F 177 1.02 -21.31 -20.75
N TYR F 178 -0.28 -21.44 -20.50
CA TYR F 178 -0.95 -22.74 -20.51
C TYR F 178 -2.09 -22.71 -21.53
N LEU F 179 -2.12 -23.71 -22.40
CA LEU F 179 -3.20 -23.88 -23.38
C LEU F 179 -3.98 -25.14 -23.00
N SER F 180 -5.21 -24.96 -22.51
CA SER F 180 -6.04 -26.07 -22.09
C SER F 180 -6.93 -26.50 -23.25
N LEU F 181 -6.82 -27.77 -23.64
CA LEU F 181 -7.60 -28.34 -24.73
C LEU F 181 -8.25 -29.63 -24.27
N THR F 182 -9.12 -30.16 -25.10
CA THR F 182 -9.61 -31.50 -24.89
C THR F 182 -8.69 -32.51 -25.57
N PRO F 183 -8.64 -33.76 -25.09
CA PRO F 183 -7.84 -34.77 -25.80
C PRO F 183 -8.22 -34.91 -27.27
N GLU F 184 -9.48 -34.68 -27.61
CA GLU F 184 -9.89 -34.75 -29.01
C GLU F 184 -9.27 -33.61 -29.81
N GLN F 185 -9.25 -32.40 -29.26
CA GLN F 185 -8.63 -31.27 -29.96
C GLN F 185 -7.13 -31.49 -30.13
N TRP F 186 -6.48 -32.10 -29.12
CA TRP F 186 -5.05 -32.32 -29.19
C TRP F 186 -4.68 -33.33 -30.27
N LYS F 187 -5.35 -34.49 -30.27
CA LYS F 187 -5.02 -35.54 -31.22
C LYS F 187 -5.47 -35.22 -32.64
N SER F 188 -6.41 -34.29 -32.81
CA SER F 188 -6.95 -34.03 -34.14
C SER F 188 -6.06 -33.14 -34.99
N HIS F 189 -5.15 -32.40 -34.38
CA HIS F 189 -4.25 -31.52 -35.10
C HIS F 189 -2.87 -32.15 -35.25
N ARG F 190 -2.16 -31.74 -36.29
CA ARG F 190 -0.84 -32.30 -36.55
C ARG F 190 0.18 -31.80 -35.53
N SER F 191 0.05 -30.54 -35.10
CA SER F 191 0.98 -29.97 -34.14
C SER F 191 0.35 -28.75 -33.49
N TYR F 192 0.97 -28.31 -32.41
CA TYR F 192 0.61 -27.08 -31.71
C TYR F 192 1.88 -26.29 -31.42
N SER F 193 1.81 -24.98 -31.57
CA SER F 193 2.98 -24.12 -31.49
C SER F 193 2.76 -23.01 -30.47
N CYS F 194 3.81 -22.69 -29.72
CA CYS F 194 3.83 -21.57 -28.79
C CYS F 194 4.77 -20.52 -29.34
N GLN F 195 4.20 -19.40 -29.79
CA GLN F 195 4.98 -18.32 -30.38
C GLN F 195 5.13 -17.20 -29.35
N VAL F 196 6.38 -16.87 -29.02
CA VAL F 196 6.68 -15.87 -28.00
C VAL F 196 7.46 -14.74 -28.65
N THR F 197 6.95 -13.53 -28.55
CA THR F 197 7.58 -12.35 -29.11
C THR F 197 8.18 -11.51 -27.98
N HIS F 198 9.48 -11.21 -28.09
CA HIS F 198 10.19 -10.36 -27.15
C HIS F 198 10.82 -9.23 -27.93
N GLU F 199 10.43 -8.00 -27.62
CA GLU F 199 10.80 -6.81 -28.39
C GLU F 199 10.31 -7.04 -29.82
N GLY F 200 11.18 -7.11 -30.81
CA GLY F 200 10.75 -7.42 -32.17
C GLY F 200 11.01 -8.85 -32.58
N SER F 201 12.02 -9.47 -31.96
CA SER F 201 12.40 -10.83 -32.31
C SER F 201 11.34 -11.83 -31.85
N THR F 202 10.94 -12.71 -32.76
CA THR F 202 9.94 -13.73 -32.49
C THR F 202 10.58 -15.11 -32.49
N VAL F 203 10.29 -15.90 -31.46
CA VAL F 203 10.77 -17.27 -31.33
C VAL F 203 9.56 -18.19 -31.16
N GLU F 204 9.64 -19.39 -31.73
CA GLU F 204 8.50 -20.29 -31.76
C GLU F 204 8.94 -21.72 -31.48
N LYS F 205 8.15 -22.42 -30.67
CA LYS F 205 8.36 -23.83 -30.35
C LYS F 205 7.12 -24.63 -30.71
N THR F 206 7.32 -25.84 -31.22
CA THR F 206 6.22 -26.66 -31.72
C THR F 206 6.32 -28.07 -31.13
N VAL F 207 5.16 -28.63 -30.76
CA VAL F 207 5.08 -30.01 -30.30
C VAL F 207 3.96 -30.70 -31.05
N ALA F 208 4.06 -32.03 -31.15
CA ALA F 208 3.12 -32.84 -31.91
C ALA F 208 2.66 -34.03 -31.10
N PRO F 209 1.45 -34.52 -31.34
CA PRO F 209 0.98 -35.73 -30.64
C PRO F 209 1.82 -36.94 -31.00
N THR F 210 1.85 -37.90 -30.09
CA THR F 210 2.61 -39.13 -30.27
C THR F 210 1.91 -40.08 -31.23
#